data_2K1V
#
_entry.id   2K1V
#
_cell.length_a   1.000
_cell.length_b   1.000
_cell.length_c   1.000
_cell.angle_alpha   90.00
_cell.angle_beta   90.00
_cell.angle_gamma   90.00
#
_symmetry.space_group_name_H-M   'P 1'
#
loop_
_entity.id
_entity.type
_entity.pdbx_description
1 polymer Relaxin-3
2 polymer 'Insulin-like peptide INSL5'
#
loop_
_entity_poly.entity_id
_entity_poly.type
_entity_poly.pdbx_seq_one_letter_code
_entity_poly.pdbx_strand_id
1 'polypeptide(L)' RAAPYGVRLCGREFIRAVIFTCGGSRW B
2 'polypeptide(L)' (PCA)DLQTLCCTDGCSMTDLSALC(NH2) A
#
# COMPACT_ATOMS: atom_id res chain seq x y z
N ARG A 1 -3.90 -7.51 -2.58
CA ARG A 1 -4.46 -8.41 -1.55
C ARG A 1 -3.86 -9.81 -1.65
N ALA A 2 -2.55 -9.90 -1.78
CA ALA A 2 -1.88 -11.18 -1.87
C ALA A 2 -1.63 -11.75 -0.46
N ALA A 3 -1.16 -10.88 0.42
CA ALA A 3 -0.89 -11.28 1.79
C ALA A 3 -2.16 -11.19 2.64
N PRO A 4 -2.31 -12.13 3.61
CA PRO A 4 -3.48 -12.18 4.48
C PRO A 4 -3.74 -10.87 5.24
N TYR A 5 -2.66 -10.28 5.75
CA TYR A 5 -2.77 -9.03 6.49
C TYR A 5 -3.08 -7.87 5.53
N GLY A 6 -3.84 -6.90 6.01
CA GLY A 6 -4.21 -5.75 5.19
C GLY A 6 -4.43 -4.52 6.04
N VAL A 7 -4.03 -3.38 5.51
CA VAL A 7 -4.19 -2.12 6.24
C VAL A 7 -4.93 -1.08 5.39
N ARG A 8 -5.78 -0.31 6.03
CA ARG A 8 -6.54 0.72 5.33
C ARG A 8 -5.64 1.88 4.96
N LEU A 9 -5.45 2.08 3.67
CA LEU A 9 -4.60 3.16 3.18
C LEU A 9 -5.37 3.99 2.17
N CYS A 10 -5.33 5.30 2.32
CA CYS A 10 -6.03 6.20 1.41
C CYS A 10 -5.21 7.46 1.14
N GLY A 11 -5.41 8.04 -0.04
CA GLY A 11 -4.73 9.26 -0.42
C GLY A 11 -3.22 9.22 -0.28
N ARG A 12 -2.67 10.26 0.32
CA ARG A 12 -1.23 10.39 0.53
C ARG A 12 -0.72 9.34 1.52
N GLU A 13 -1.57 8.95 2.45
CA GLU A 13 -1.21 7.97 3.45
C GLU A 13 -0.93 6.64 2.77
N PHE A 14 -1.76 6.32 1.79
CA PHE A 14 -1.61 5.12 1.01
C PHE A 14 -0.27 5.12 0.27
N ILE A 15 -0.02 6.20 -0.44
CA ILE A 15 1.22 6.37 -1.20
C ILE A 15 2.43 6.34 -0.28
N ARG A 16 2.32 6.99 0.88
CA ARG A 16 3.43 7.01 1.83
C ARG A 16 3.75 5.62 2.34
N ALA A 17 2.73 4.82 2.59
CA ALA A 17 2.93 3.45 3.06
C ALA A 17 3.66 2.62 2.01
N VAL A 18 3.36 2.88 0.75
CA VAL A 18 4.01 2.18 -0.36
C VAL A 18 5.48 2.51 -0.38
N ILE A 19 5.76 3.80 -0.21
CA ILE A 19 7.13 4.28 -0.19
C ILE A 19 7.83 3.83 1.08
N PHE A 20 7.08 3.75 2.17
CA PHE A 20 7.61 3.26 3.44
C PHE A 20 8.13 1.86 3.25
N THR A 21 7.32 1.04 2.59
CA THR A 21 7.68 -0.34 2.29
C THR A 21 8.84 -0.36 1.28
N CYS A 22 8.81 0.60 0.36
CA CYS A 22 9.83 0.72 -0.67
C CYS A 22 11.18 1.04 -0.06
N GLY A 23 11.15 1.65 1.13
CA GLY A 23 12.38 2.01 1.82
C GLY A 23 12.85 3.41 1.48
N GLY A 24 11.90 4.31 1.23
CA GLY A 24 12.23 5.68 0.90
C GLY A 24 13.04 5.81 -0.37
N SER A 25 12.50 5.28 -1.46
CA SER A 25 13.17 5.30 -2.75
C SER A 25 13.45 6.72 -3.24
N ARG A 26 12.43 7.59 -3.21
CA ARG A 26 12.59 8.97 -3.67
C ARG A 26 11.33 9.79 -3.40
N TRP A 27 10.80 9.70 -2.20
CA TRP A 27 9.61 10.44 -1.84
C TRP A 27 9.75 11.04 -0.45
N ASP B 2 -7.29 -4.01 -6.67
CA ASP B 2 -7.35 -4.52 -5.31
C ASP B 2 -6.21 -3.93 -4.47
N LEU B 3 -5.08 -3.68 -5.12
CA LEU B 3 -3.91 -3.13 -4.46
C LEU B 3 -4.10 -1.65 -4.10
N GLN B 4 -4.49 -0.83 -5.08
CA GLN B 4 -4.68 0.59 -4.84
C GLN B 4 -6.11 0.92 -4.41
N THR B 5 -7.03 0.64 -5.31
CA THR B 5 -8.45 0.91 -5.12
C THR B 5 -9.02 0.25 -3.85
N LEU B 6 -8.89 -1.07 -3.76
CA LEU B 6 -9.43 -1.84 -2.65
C LEU B 6 -8.69 -1.56 -1.33
N CYS B 7 -7.53 -0.95 -1.40
CA CYS B 7 -6.75 -0.67 -0.19
C CYS B 7 -7.49 0.30 0.73
N CYS B 8 -8.14 1.29 0.13
CA CYS B 8 -8.88 2.28 0.91
C CYS B 8 -10.18 1.69 1.46
N THR B 9 -10.77 0.77 0.70
CA THR B 9 -12.02 0.13 1.11
C THR B 9 -11.79 -1.02 2.09
N ASP B 10 -11.01 -2.01 1.66
CA ASP B 10 -10.71 -3.18 2.47
C ASP B 10 -9.33 -3.10 3.10
N GLY B 11 -8.30 -3.02 2.25
CA GLY B 11 -6.94 -2.93 2.76
C GLY B 11 -5.94 -3.64 1.88
N CYS B 12 -4.77 -3.07 1.75
CA CYS B 12 -3.73 -3.67 0.92
C CYS B 12 -2.52 -4.01 1.79
N SER B 13 -1.87 -5.10 1.44
CA SER B 13 -0.70 -5.54 2.17
C SER B 13 0.52 -4.72 1.79
N MET B 14 1.37 -4.42 2.76
CA MET B 14 2.58 -3.64 2.51
C MET B 14 3.45 -4.35 1.47
N THR B 15 3.53 -5.67 1.57
CA THR B 15 4.31 -6.47 0.65
C THR B 15 3.83 -6.24 -0.79
N ASP B 16 2.52 -6.16 -0.96
CA ASP B 16 1.90 -5.93 -2.26
C ASP B 16 2.30 -4.57 -2.82
N LEU B 17 2.36 -3.58 -1.92
CA LEU B 17 2.71 -2.20 -2.28
C LEU B 17 4.04 -2.11 -3.01
N SER B 18 4.96 -3.01 -2.70
CA SER B 18 6.27 -3.03 -3.32
C SER B 18 6.19 -3.01 -4.85
N ALA B 19 5.15 -3.64 -5.40
CA ALA B 19 4.95 -3.71 -6.84
C ALA B 19 4.71 -2.32 -7.45
N LEU B 20 4.00 -1.46 -6.73
CA LEU B 20 3.69 -0.12 -7.20
C LEU B 20 4.94 0.75 -7.26
N CYS B 21 5.79 0.63 -6.25
CA CYS B 21 7.02 1.41 -6.20
C CYS B 21 8.11 0.77 -7.06
N ARG A 1 -3.53 -7.62 -4.23
CA ARG A 1 -3.22 -8.11 -2.88
C ARG A 1 -2.52 -9.46 -2.96
N ALA A 2 -1.37 -9.57 -2.31
CA ALA A 2 -0.62 -10.82 -2.31
C ALA A 2 -0.78 -11.52 -0.97
N ALA A 3 -0.55 -10.78 0.10
CA ALA A 3 -0.71 -11.32 1.44
C ALA A 3 -2.12 -11.07 1.95
N PRO A 4 -2.65 -11.93 2.84
CA PRO A 4 -4.01 -11.83 3.39
C PRO A 4 -4.51 -10.41 3.60
N TYR A 5 -3.83 -9.68 4.47
CA TYR A 5 -4.25 -8.33 4.80
C TYR A 5 -3.24 -7.67 5.74
N GLY A 6 -3.12 -6.36 5.63
CA GLY A 6 -2.21 -5.62 6.48
C GLY A 6 -2.87 -4.41 7.12
N VAL A 7 -3.40 -3.50 6.31
CA VAL A 7 -4.04 -2.29 6.83
C VAL A 7 -4.69 -1.47 5.70
N ARG A 8 -5.68 -0.65 6.07
CA ARG A 8 -6.37 0.22 5.11
C ARG A 8 -5.55 1.49 4.92
N LEU A 9 -5.31 1.86 3.68
CA LEU A 9 -4.53 3.06 3.38
C LEU A 9 -5.17 3.85 2.26
N CYS A 10 -5.23 5.17 2.41
CA CYS A 10 -5.85 6.03 1.40
C CYS A 10 -5.04 7.31 1.18
N GLY A 11 -5.40 8.02 0.13
CA GLY A 11 -4.74 9.27 -0.21
C GLY A 11 -3.23 9.18 -0.30
N ARG A 12 -2.56 10.26 0.09
CA ARG A 12 -1.11 10.31 0.06
C ARG A 12 -0.51 9.43 1.15
N GLU A 13 -1.35 8.99 2.09
CA GLU A 13 -0.89 8.10 3.15
C GLU A 13 -0.53 6.78 2.52
N PHE A 14 -1.43 6.30 1.67
CA PHE A 14 -1.23 5.05 0.96
C PHE A 14 0.00 5.16 0.09
N ILE A 15 0.09 6.25 -0.67
CA ILE A 15 1.22 6.50 -1.55
C ILE A 15 2.53 6.51 -0.76
N ARG A 16 2.55 7.24 0.36
CA ARG A 16 3.76 7.31 1.17
C ARG A 16 4.11 5.94 1.73
N ALA A 17 3.09 5.19 2.14
CA ALA A 17 3.28 3.85 2.68
C ALA A 17 3.92 2.93 1.63
N VAL A 18 3.57 3.16 0.36
CA VAL A 18 4.14 2.38 -0.74
C VAL A 18 5.64 2.63 -0.78
N ILE A 19 5.98 3.89 -0.61
CA ILE A 19 7.36 4.33 -0.58
C ILE A 19 8.06 3.72 0.64
N PHE A 20 7.38 3.82 1.78
CA PHE A 20 7.88 3.29 3.05
C PHE A 20 8.21 1.81 2.93
N THR A 21 7.25 1.05 2.44
CA THR A 21 7.42 -0.38 2.27
C THR A 21 8.50 -0.69 1.24
N CYS A 22 8.64 0.18 0.26
CA CYS A 22 9.62 0.01 -0.79
C CYS A 22 11.04 0.21 -0.24
N GLY A 23 11.20 1.20 0.61
CA GLY A 23 12.51 1.48 1.18
C GLY A 23 12.62 2.85 1.79
N GLY A 24 11.98 3.83 1.15
CA GLY A 24 12.04 5.20 1.65
C GLY A 24 13.41 5.82 1.46
N SER A 25 13.87 5.84 0.21
CA SER A 25 15.18 6.40 -0.11
C SER A 25 15.19 6.96 -1.52
N ARG A 26 14.68 6.19 -2.47
CA ARG A 26 14.62 6.61 -3.87
C ARG A 26 13.57 7.70 -4.02
N TRP A 27 12.62 7.69 -3.10
CA TRP A 27 11.52 8.64 -3.07
C TRP A 27 10.77 8.45 -1.76
N ASP B 2 -6.90 -3.03 -7.64
CA ASP B 2 -6.62 -3.94 -6.53
C ASP B 2 -5.68 -3.29 -5.49
N LEU B 3 -4.87 -2.36 -5.95
CA LEU B 3 -3.97 -1.65 -5.05
C LEU B 3 -4.63 -0.37 -4.52
N GLN B 4 -4.43 0.74 -5.22
CA GLN B 4 -4.98 2.05 -4.83
C GLN B 4 -6.44 1.98 -4.37
N THR B 5 -7.27 1.37 -5.18
CA THR B 5 -8.69 1.25 -4.90
C THR B 5 -9.01 0.32 -3.73
N LEU B 6 -8.62 -0.94 -3.86
CA LEU B 6 -8.89 -1.95 -2.85
C LEU B 6 -8.26 -1.64 -1.50
N CYS B 7 -7.03 -1.17 -1.52
CA CYS B 7 -6.31 -0.85 -0.28
C CYS B 7 -7.04 0.23 0.53
N CYS B 8 -7.80 1.07 -0.14
CA CYS B 8 -8.53 2.13 0.53
C CYS B 8 -9.88 1.61 1.04
N THR B 9 -10.59 0.87 0.20
CA THR B 9 -11.90 0.33 0.55
C THR B 9 -11.80 -0.74 1.64
N ASP B 10 -11.00 -1.77 1.39
CA ASP B 10 -10.84 -2.85 2.35
C ASP B 10 -9.43 -2.89 2.90
N GLY B 11 -8.47 -2.56 2.06
CA GLY B 11 -7.09 -2.56 2.48
C GLY B 11 -6.27 -3.57 1.74
N CYS B 12 -5.08 -3.84 2.24
CA CYS B 12 -4.17 -4.79 1.64
C CYS B 12 -2.97 -4.94 2.55
N SER B 13 -2.08 -5.86 2.22
CA SER B 13 -0.88 -6.05 3.01
C SER B 13 0.11 -4.98 2.63
N MET B 14 0.94 -4.58 3.57
CA MET B 14 1.92 -3.54 3.30
C MET B 14 2.84 -3.98 2.15
N THR B 15 3.12 -5.29 2.11
CA THR B 15 3.95 -5.88 1.07
C THR B 15 3.33 -5.69 -0.32
N ASP B 16 2.01 -5.65 -0.38
CA ASP B 16 1.28 -5.48 -1.63
C ASP B 16 1.66 -4.17 -2.29
N LEU B 17 1.90 -3.16 -1.44
CA LEU B 17 2.26 -1.82 -1.89
C LEU B 17 3.58 -1.80 -2.67
N SER B 18 4.49 -2.69 -2.33
CA SER B 18 5.79 -2.77 -2.98
C SER B 18 5.67 -2.86 -4.51
N ALA B 19 4.59 -3.49 -4.98
CA ALA B 19 4.35 -3.63 -6.42
C ALA B 19 4.22 -2.28 -7.13
N LEU B 20 3.59 -1.33 -6.46
CA LEU B 20 3.39 0.00 -7.03
C LEU B 20 4.71 0.77 -7.16
N CYS B 21 5.65 0.48 -6.26
CA CYS B 21 6.94 1.14 -6.27
C CYS B 21 7.72 0.79 -7.54
N ARG A 1 -5.20 -7.51 2.01
CA ARG A 1 -4.54 -7.83 0.72
C ARG A 1 -3.97 -9.26 0.76
N ALA A 2 -2.94 -9.52 -0.05
CA ALA A 2 -2.32 -10.83 -0.11
C ALA A 2 -1.36 -11.05 1.06
N ALA A 3 -1.84 -10.79 2.27
CA ALA A 3 -1.05 -10.94 3.47
C ALA A 3 -1.94 -10.78 4.69
N PRO A 4 -1.67 -11.53 5.78
CA PRO A 4 -2.45 -11.47 7.01
C PRO A 4 -2.52 -10.04 7.56
N TYR A 5 -1.39 -9.37 7.53
CA TYR A 5 -1.29 -7.99 8.00
C TYR A 5 -1.84 -7.05 6.92
N GLY A 6 -2.59 -6.05 7.33
CA GLY A 6 -3.15 -5.11 6.38
C GLY A 6 -3.56 -3.82 7.05
N VAL A 7 -3.33 -2.70 6.37
CA VAL A 7 -3.67 -1.41 6.90
C VAL A 7 -4.46 -0.60 5.88
N ARG A 8 -5.48 0.10 6.35
CA ARG A 8 -6.32 0.91 5.49
C ARG A 8 -5.57 2.16 5.08
N LEU A 9 -5.39 2.34 3.78
CA LEU A 9 -4.67 3.48 3.26
C LEU A 9 -5.54 4.22 2.27
N CYS A 10 -5.54 5.55 2.36
CA CYS A 10 -6.35 6.36 1.48
C CYS A 10 -5.59 7.60 1.02
N GLY A 11 -5.70 7.90 -0.27
CA GLY A 11 -5.05 9.07 -0.84
C GLY A 11 -3.56 9.18 -0.55
N ARG A 12 -3.20 10.29 0.11
CA ARG A 12 -1.82 10.59 0.46
C ARG A 12 -1.18 9.49 1.30
N GLU A 13 -1.94 8.96 2.25
CA GLU A 13 -1.46 7.93 3.15
C GLU A 13 -1.05 6.68 2.37
N PHE A 14 -1.86 6.32 1.40
CA PHE A 14 -1.58 5.16 0.56
C PHE A 14 -0.25 5.35 -0.13
N ILE A 15 -0.06 6.53 -0.71
CA ILE A 15 1.17 6.86 -1.40
C ILE A 15 2.37 6.80 -0.46
N ARG A 16 2.22 7.37 0.72
CA ARG A 16 3.31 7.36 1.70
C ARG A 16 3.67 5.94 2.13
N ALA A 17 2.66 5.09 2.28
CA ALA A 17 2.89 3.71 2.67
C ALA A 17 3.65 2.94 1.59
N VAL A 18 3.40 3.29 0.33
CA VAL A 18 4.08 2.66 -0.79
C VAL A 18 5.56 3.03 -0.72
N ILE A 19 5.81 4.29 -0.43
CA ILE A 19 7.17 4.79 -0.28
C ILE A 19 7.82 4.11 0.92
N PHE A 20 7.06 3.99 2.00
CA PHE A 20 7.51 3.32 3.22
C PHE A 20 7.96 1.90 2.92
N THR A 21 7.27 1.27 1.98
CA THR A 21 7.59 -0.08 1.56
C THR A 21 9.01 -0.14 0.98
N CYS A 22 9.40 0.92 0.28
CA CYS A 22 10.73 1.03 -0.29
C CYS A 22 11.77 1.34 0.78
N GLY A 23 11.28 1.68 1.97
CA GLY A 23 12.15 1.99 3.10
C GLY A 23 12.98 3.23 2.86
N GLY A 24 12.43 4.17 2.09
CA GLY A 24 13.13 5.41 1.79
C GLY A 24 14.50 5.18 1.17
N SER A 25 14.65 4.07 0.47
CA SER A 25 15.92 3.72 -0.17
C SER A 25 15.97 4.23 -1.60
N ARG A 26 15.26 5.30 -1.85
CA ARG A 26 15.20 5.92 -3.18
C ARG A 26 14.36 7.17 -3.13
N TRP A 27 13.30 7.10 -2.33
CA TRP A 27 12.38 8.20 -2.15
C TRP A 27 11.59 7.95 -0.88
N ASP B 2 -8.30 -3.46 -7.17
CA ASP B 2 -8.58 -4.09 -5.89
C ASP B 2 -7.51 -3.76 -4.86
N LEU B 3 -6.31 -3.50 -5.34
CA LEU B 3 -5.19 -3.16 -4.47
C LEU B 3 -5.22 -1.68 -4.06
N GLN B 4 -5.10 -0.78 -5.04
CA GLN B 4 -5.09 0.65 -4.75
C GLN B 4 -6.49 1.20 -4.47
N THR B 5 -7.38 0.99 -5.41
CA THR B 5 -8.76 1.46 -5.32
C THR B 5 -9.46 0.92 -4.07
N LEU B 6 -9.33 -0.37 -3.81
CA LEU B 6 -9.98 -0.97 -2.64
C LEU B 6 -9.06 -1.02 -1.44
N CYS B 7 -8.09 -0.10 -1.37
CA CYS B 7 -7.17 -0.06 -0.25
C CYS B 7 -7.90 0.38 1.01
N CYS B 8 -8.83 1.31 0.85
CA CYS B 8 -9.63 1.83 1.94
C CYS B 8 -10.67 0.79 2.37
N THR B 9 -11.00 -0.11 1.45
CA THR B 9 -12.00 -1.15 1.69
C THR B 9 -11.41 -2.40 2.35
N ASP B 10 -10.36 -2.94 1.76
CA ASP B 10 -9.73 -4.16 2.27
C ASP B 10 -8.59 -3.82 3.22
N GLY B 11 -7.56 -3.21 2.68
CA GLY B 11 -6.41 -2.84 3.48
C GLY B 11 -5.13 -3.30 2.83
N CYS B 12 -4.32 -2.34 2.41
CA CYS B 12 -3.06 -2.63 1.74
C CYS B 12 -2.03 -3.28 2.65
N SER B 13 -1.23 -4.14 2.04
CA SER B 13 -0.18 -4.84 2.73
C SER B 13 1.17 -4.49 2.10
N MET B 14 2.22 -4.45 2.90
CA MET B 14 3.56 -4.10 2.43
C MET B 14 3.97 -4.96 1.23
N THR B 15 3.62 -6.24 1.28
CA THR B 15 3.95 -7.17 0.20
C THR B 15 3.36 -6.71 -1.13
N ASP B 16 2.09 -6.36 -1.14
CA ASP B 16 1.40 -5.89 -2.33
C ASP B 16 2.01 -4.57 -2.81
N LEU B 17 2.27 -3.70 -1.85
CA LEU B 17 2.85 -2.38 -2.12
C LEU B 17 4.26 -2.48 -2.71
N SER B 18 4.95 -3.58 -2.43
CA SER B 18 6.30 -3.78 -2.94
C SER B 18 6.31 -3.69 -4.46
N ALA B 19 5.27 -4.22 -5.09
CA ALA B 19 5.14 -4.19 -6.53
C ALA B 19 4.85 -2.78 -7.03
N LEU B 20 4.08 -2.03 -6.24
CA LEU B 20 3.71 -0.66 -6.60
C LEU B 20 4.92 0.28 -6.49
N CYS B 21 5.70 0.12 -5.43
CA CYS B 21 6.88 0.95 -5.22
C CYS B 21 7.97 0.54 -6.22
N ARG A 1 -7.72 -7.26 0.05
CA ARG A 1 -8.21 -8.65 0.21
C ARG A 1 -7.87 -9.16 1.61
N ALA A 2 -8.68 -10.08 2.11
CA ALA A 2 -8.46 -10.66 3.44
C ALA A 2 -7.08 -11.29 3.51
N ALA A 3 -6.34 -10.96 4.56
CA ALA A 3 -4.99 -11.46 4.75
C ALA A 3 -4.59 -11.32 6.22
N PRO A 4 -3.52 -12.01 6.67
CA PRO A 4 -3.05 -11.96 8.05
C PRO A 4 -2.95 -10.53 8.60
N TYR A 5 -2.52 -9.63 7.74
CA TYR A 5 -2.40 -8.23 8.11
C TYR A 5 -2.87 -7.36 6.95
N GLY A 6 -3.59 -6.29 7.26
CA GLY A 6 -4.10 -5.41 6.23
C GLY A 6 -4.50 -4.07 6.80
N VAL A 7 -4.40 -3.03 5.99
CA VAL A 7 -4.75 -1.68 6.43
C VAL A 7 -5.27 -0.87 5.25
N ARG A 8 -6.23 0.00 5.53
CA ARG A 8 -6.82 0.84 4.50
C ARG A 8 -5.93 2.05 4.25
N LEU A 9 -5.46 2.19 3.03
CA LEU A 9 -4.55 3.28 2.67
C LEU A 9 -5.08 4.08 1.48
N CYS A 10 -5.08 5.39 1.63
CA CYS A 10 -5.53 6.29 0.58
C CYS A 10 -4.85 7.65 0.66
N GLY A 11 -4.95 8.40 -0.44
CA GLY A 11 -4.34 9.71 -0.50
C GLY A 11 -2.85 9.69 -0.27
N ARG A 12 -2.37 10.65 0.50
CA ARG A 12 -0.96 10.76 0.82
C ARG A 12 -0.50 9.56 1.64
N GLU A 13 -1.42 9.03 2.44
CA GLU A 13 -1.14 7.89 3.29
C GLU A 13 -0.76 6.68 2.45
N PHE A 14 -1.53 6.46 1.39
CA PHE A 14 -1.29 5.35 0.48
C PHE A 14 0.09 5.48 -0.14
N ILE A 15 0.36 6.63 -0.74
CA ILE A 15 1.64 6.89 -1.38
C ILE A 15 2.78 6.78 -0.37
N ARG A 16 2.57 7.33 0.82
CA ARG A 16 3.58 7.29 1.85
C ARG A 16 3.90 5.85 2.26
N ALA A 17 2.86 5.06 2.48
CA ALA A 17 3.02 3.67 2.87
C ALA A 17 3.75 2.85 1.80
N VAL A 18 3.45 3.13 0.54
CA VAL A 18 4.10 2.44 -0.56
C VAL A 18 5.58 2.77 -0.58
N ILE A 19 5.87 4.04 -0.36
CA ILE A 19 7.25 4.51 -0.33
C ILE A 19 7.96 4.01 0.92
N PHE A 20 7.21 3.93 2.01
CA PHE A 20 7.74 3.42 3.27
C PHE A 20 8.24 2.00 3.06
N THR A 21 7.42 1.21 2.37
CA THR A 21 7.76 -0.16 2.04
C THR A 21 8.90 -0.20 1.03
N CYS A 22 8.89 0.78 0.13
CA CYS A 22 9.90 0.91 -0.91
C CYS A 22 11.27 1.21 -0.29
N GLY A 23 11.24 1.72 0.94
CA GLY A 23 12.47 2.06 1.62
C GLY A 23 12.96 3.46 1.28
N GLY A 24 12.01 4.34 0.96
CA GLY A 24 12.36 5.72 0.63
C GLY A 24 13.23 5.82 -0.60
N SER A 25 12.78 5.22 -1.70
CA SER A 25 13.51 5.22 -2.96
C SER A 25 13.89 6.64 -3.40
N ARG A 26 12.90 7.52 -3.49
CA ARG A 26 13.15 8.90 -3.89
C ARG A 26 11.91 9.76 -3.73
N TRP A 27 11.35 9.71 -2.53
CA TRP A 27 10.16 10.50 -2.21
C TRP A 27 10.38 11.25 -0.90
N ASP B 2 -7.57 -4.41 -6.45
CA ASP B 2 -7.67 -4.79 -5.05
C ASP B 2 -6.55 -4.15 -4.22
N LEU B 3 -5.39 -4.00 -4.84
CA LEU B 3 -4.24 -3.40 -4.18
C LEU B 3 -4.46 -1.92 -3.86
N GLN B 4 -4.73 -1.12 -4.88
CA GLN B 4 -4.92 0.30 -4.68
C GLN B 4 -6.38 0.66 -4.43
N THR B 5 -7.22 0.37 -5.40
CA THR B 5 -8.65 0.65 -5.36
C THR B 5 -9.35 0.05 -4.12
N LEU B 6 -9.17 -1.25 -3.91
CA LEU B 6 -9.82 -1.94 -2.80
C LEU B 6 -9.10 -1.70 -1.46
N CYS B 7 -7.96 -1.04 -1.48
CA CYS B 7 -7.24 -0.79 -0.22
C CYS B 7 -8.07 0.11 0.68
N CYS B 8 -8.77 1.07 0.09
CA CYS B 8 -9.60 1.99 0.84
C CYS B 8 -10.84 1.28 1.38
N THR B 9 -11.46 0.46 0.54
CA THR B 9 -12.67 -0.25 0.91
C THR B 9 -12.39 -1.41 1.87
N ASP B 10 -11.40 -2.22 1.55
CA ASP B 10 -11.05 -3.38 2.37
C ASP B 10 -9.67 -3.22 3.01
N GLY B 11 -8.63 -3.20 2.19
CA GLY B 11 -7.29 -3.05 2.73
C GLY B 11 -6.23 -3.72 1.87
N CYS B 12 -5.02 -3.20 1.95
CA CYS B 12 -3.90 -3.74 1.19
C CYS B 12 -2.69 -3.90 2.08
N SER B 13 -1.93 -4.96 1.84
CA SER B 13 -0.75 -5.24 2.64
C SER B 13 0.43 -4.41 2.14
N MET B 14 1.32 -4.04 3.06
CA MET B 14 2.49 -3.22 2.71
C MET B 14 3.39 -3.95 1.71
N THR B 15 3.51 -5.27 1.86
CA THR B 15 4.33 -6.06 0.95
C THR B 15 3.82 -5.92 -0.49
N ASP B 16 2.51 -5.84 -0.63
CA ASP B 16 1.86 -5.69 -1.94
C ASP B 16 2.26 -4.38 -2.59
N LEU B 17 2.35 -3.34 -1.75
CA LEU B 17 2.70 -1.98 -2.19
C LEU B 17 4.02 -1.92 -2.96
N SER B 18 4.95 -2.81 -2.61
CA SER B 18 6.26 -2.87 -3.24
C SER B 18 6.16 -2.91 -4.77
N ALA B 19 5.14 -3.60 -5.27
CA ALA B 19 4.93 -3.73 -6.71
C ALA B 19 4.68 -2.39 -7.40
N LEU B 20 3.97 -1.50 -6.71
CA LEU B 20 3.64 -0.19 -7.25
C LEU B 20 4.88 0.71 -7.35
N CYS B 21 5.74 0.64 -6.33
CA CYS B 21 6.95 1.45 -6.33
C CYS B 21 8.03 0.81 -7.21
N ARG A 1 -8.65 -6.42 -1.10
CA ARG A 1 -8.37 -7.87 -1.20
C ARG A 1 -7.84 -8.43 0.11
N ALA A 2 -8.32 -9.61 0.49
CA ALA A 2 -7.90 -10.25 1.72
C ALA A 2 -6.41 -10.58 1.69
N ALA A 3 -5.74 -10.39 2.82
CA ALA A 3 -4.31 -10.64 2.93
C ALA A 3 -3.96 -10.94 4.39
N PRO A 4 -2.82 -11.62 4.64
CA PRO A 4 -2.37 -11.98 5.99
C PRO A 4 -2.40 -10.78 6.94
N TYR A 5 -1.99 -9.64 6.41
CA TYR A 5 -1.97 -8.40 7.18
C TYR A 5 -2.30 -7.25 6.24
N GLY A 6 -3.06 -6.29 6.72
CA GLY A 6 -3.44 -5.16 5.89
C GLY A 6 -3.91 -3.99 6.71
N VAL A 7 -3.87 -2.81 6.10
CA VAL A 7 -4.28 -1.59 6.77
C VAL A 7 -4.98 -0.67 5.78
N ARG A 8 -5.93 0.12 6.27
CA ARG A 8 -6.68 1.04 5.42
C ARG A 8 -5.79 2.19 4.96
N LEU A 9 -5.58 2.29 3.65
CA LEU A 9 -4.74 3.34 3.09
C LEU A 9 -5.45 3.98 1.91
N CYS A 10 -5.49 5.31 1.88
CA CYS A 10 -6.17 6.03 0.81
C CYS A 10 -5.39 7.28 0.39
N GLY A 11 -5.42 7.59 -0.90
CA GLY A 11 -4.74 8.77 -1.43
C GLY A 11 -3.26 8.80 -1.12
N ARG A 12 -2.77 9.98 -0.75
CA ARG A 12 -1.36 10.17 -0.44
C ARG A 12 -0.94 9.31 0.75
N GLU A 13 -1.89 8.98 1.63
CA GLU A 13 -1.59 8.15 2.78
C GLU A 13 -1.17 6.77 2.32
N PHE A 14 -1.90 6.26 1.33
CA PHE A 14 -1.58 4.97 0.74
C PHE A 14 -0.22 5.07 0.08
N ILE A 15 -0.03 6.19 -0.61
CA ILE A 15 1.22 6.50 -1.30
C ILE A 15 2.41 6.47 -0.34
N ARG A 16 2.25 7.13 0.79
CA ARG A 16 3.31 7.20 1.79
C ARG A 16 3.66 5.81 2.31
N ALA A 17 2.66 4.95 2.43
CA ALA A 17 2.89 3.59 2.90
C ALA A 17 3.70 2.81 1.88
N VAL A 18 3.42 3.05 0.59
CA VAL A 18 4.14 2.41 -0.50
C VAL A 18 5.59 2.86 -0.47
N ILE A 19 5.75 4.16 -0.28
CA ILE A 19 7.07 4.76 -0.21
C ILE A 19 7.78 4.31 1.06
N PHE A 20 7.01 4.13 2.12
CA PHE A 20 7.54 3.66 3.39
C PHE A 20 8.18 2.29 3.18
N THR A 21 7.52 1.49 2.36
CA THR A 21 7.98 0.16 2.01
C THR A 21 9.32 0.21 1.28
N CYS A 22 9.45 1.18 0.37
CA CYS A 22 10.67 1.36 -0.39
C CYS A 22 11.72 2.15 0.37
N GLY A 23 11.28 2.94 1.34
CA GLY A 23 12.19 3.76 2.11
C GLY A 23 12.62 4.96 1.28
N GLY A 24 11.67 5.49 0.51
CA GLY A 24 11.95 6.62 -0.36
C GLY A 24 12.39 6.16 -1.73
N SER A 25 11.93 6.82 -2.78
CA SER A 25 12.32 6.42 -4.12
C SER A 25 12.29 7.58 -5.12
N ARG A 26 11.12 7.84 -5.71
CA ARG A 26 11.00 8.91 -6.69
C ARG A 26 9.65 9.60 -6.55
N TRP A 27 9.02 9.44 -5.40
CA TRP A 27 7.71 10.03 -5.14
C TRP A 27 7.34 9.81 -3.67
N ASP B 2 -6.97 -2.57 -7.11
CA ASP B 2 -6.95 -3.57 -6.06
C ASP B 2 -6.04 -3.11 -4.92
N LEU B 3 -4.95 -2.45 -5.31
CA LEU B 3 -3.98 -1.95 -4.36
C LEU B 3 -4.53 -0.80 -3.49
N GLN B 4 -4.98 0.28 -4.13
CA GLN B 4 -5.51 1.43 -3.38
C GLN B 4 -7.01 1.34 -3.14
N THR B 5 -7.76 1.28 -4.22
CA THR B 5 -9.22 1.20 -4.19
C THR B 5 -9.73 0.16 -3.20
N LEU B 6 -9.26 -1.07 -3.32
CA LEU B 6 -9.69 -2.14 -2.42
C LEU B 6 -9.11 -1.96 -1.03
N CYS B 7 -7.94 -1.34 -0.94
CA CYS B 7 -7.30 -1.09 0.35
C CYS B 7 -8.21 -0.23 1.23
N CYS B 8 -8.86 0.75 0.61
CA CYS B 8 -9.77 1.62 1.32
C CYS B 8 -11.02 0.84 1.76
N THR B 9 -11.31 -0.23 1.03
CA THR B 9 -12.45 -1.07 1.33
C THR B 9 -12.13 -2.09 2.43
N ASP B 10 -11.01 -2.79 2.29
CA ASP B 10 -10.61 -3.78 3.28
C ASP B 10 -9.25 -3.45 3.90
N GLY B 11 -8.20 -3.58 3.13
CA GLY B 11 -6.86 -3.31 3.61
C GLY B 11 -5.81 -3.92 2.69
N CYS B 12 -4.75 -3.18 2.43
CA CYS B 12 -3.70 -3.66 1.54
C CYS B 12 -2.43 -4.02 2.31
N SER B 13 -1.76 -5.08 1.86
CA SER B 13 -0.53 -5.54 2.48
C SER B 13 0.67 -4.75 1.98
N MET B 14 1.64 -4.54 2.87
CA MET B 14 2.86 -3.80 2.55
C MET B 14 3.59 -4.42 1.36
N THR B 15 3.56 -5.75 1.28
CA THR B 15 4.20 -6.48 0.20
C THR B 15 3.59 -6.10 -1.16
N ASP B 16 2.28 -5.96 -1.16
CA ASP B 16 1.53 -5.62 -2.37
C ASP B 16 1.92 -4.23 -2.86
N LEU B 17 2.10 -3.32 -1.91
CA LEU B 17 2.47 -1.93 -2.19
C LEU B 17 3.77 -1.84 -2.98
N SER B 18 4.69 -2.76 -2.70
CA SER B 18 6.00 -2.79 -3.35
C SER B 18 5.88 -2.77 -4.88
N ALA B 19 4.83 -3.41 -5.41
CA ALA B 19 4.60 -3.46 -6.84
C ALA B 19 4.41 -2.08 -7.47
N LEU B 20 3.65 -1.23 -6.80
CA LEU B 20 3.39 0.12 -7.31
C LEU B 20 4.64 0.99 -7.26
N CYS B 21 5.45 0.80 -6.23
CA CYS B 21 6.67 1.57 -6.06
C CYS B 21 7.69 1.25 -7.15
N ARG A 1 -9.83 -7.34 -3.12
CA ARG A 1 -8.68 -8.26 -2.97
C ARG A 1 -9.12 -9.49 -2.17
N ALA A 2 -8.20 -10.02 -1.37
CA ALA A 2 -8.47 -11.20 -0.55
C ALA A 2 -7.30 -11.41 0.41
N ALA A 3 -6.86 -10.33 1.02
CA ALA A 3 -5.75 -10.39 1.96
C ALA A 3 -6.21 -10.73 3.37
N PRO A 4 -5.49 -11.64 4.05
CA PRO A 4 -5.81 -12.05 5.42
C PRO A 4 -5.77 -10.86 6.37
N TYR A 5 -4.80 -9.99 6.14
CA TYR A 5 -4.62 -8.79 6.94
C TYR A 5 -4.04 -7.69 6.06
N GLY A 6 -4.44 -6.46 6.31
CA GLY A 6 -3.94 -5.35 5.52
C GLY A 6 -4.40 -4.02 6.06
N VAL A 7 -3.48 -3.07 6.14
CA VAL A 7 -3.80 -1.75 6.63
C VAL A 7 -4.44 -0.92 5.53
N ARG A 8 -5.49 -0.20 5.90
CA ARG A 8 -6.19 0.64 4.95
C ARG A 8 -5.47 1.97 4.77
N LEU A 9 -5.03 2.20 3.55
CA LEU A 9 -4.27 3.40 3.22
C LEU A 9 -5.05 4.23 2.21
N CYS A 10 -5.09 5.54 2.41
CA CYS A 10 -5.82 6.41 1.50
C CYS A 10 -5.03 7.67 1.17
N GLY A 11 -5.17 8.13 -0.08
CA GLY A 11 -4.51 9.33 -0.54
C GLY A 11 -3.03 9.40 -0.22
N ARG A 12 -2.66 10.46 0.50
CA ARG A 12 -1.26 10.70 0.88
C ARG A 12 -0.68 9.52 1.65
N GLU A 13 -1.48 9.01 2.58
CA GLU A 13 -1.07 7.89 3.42
C GLU A 13 -0.77 6.67 2.56
N PHE A 14 -1.61 6.45 1.55
CA PHE A 14 -1.42 5.33 0.65
C PHE A 14 -0.09 5.47 -0.09
N ILE A 15 0.12 6.62 -0.71
CA ILE A 15 1.35 6.91 -1.43
C ILE A 15 2.56 6.82 -0.51
N ARG A 16 2.43 7.38 0.69
CA ARG A 16 3.53 7.37 1.64
C ARG A 16 3.87 5.96 2.09
N ALA A 17 2.85 5.15 2.34
CA ALA A 17 3.05 3.77 2.78
C ALA A 17 3.77 2.95 1.71
N VAL A 18 3.47 3.23 0.45
CA VAL A 18 4.09 2.53 -0.66
C VAL A 18 5.58 2.83 -0.66
N ILE A 19 5.90 4.08 -0.41
CA ILE A 19 7.29 4.50 -0.34
C ILE A 19 7.93 4.02 0.93
N PHE A 20 7.17 4.02 2.03
CA PHE A 20 7.65 3.56 3.32
C PHE A 20 8.16 2.13 3.18
N THR A 21 7.43 1.36 2.37
CA THR A 21 7.78 -0.01 2.07
C THR A 21 9.13 -0.08 1.36
N CYS A 22 9.38 0.89 0.50
CA CYS A 22 10.64 0.97 -0.24
C CYS A 22 11.71 1.70 0.57
N GLY A 23 11.30 2.31 1.68
CA GLY A 23 12.22 3.06 2.52
C GLY A 23 12.46 4.47 2.00
N GLY A 24 12.68 4.55 0.70
CA GLY A 24 12.92 5.83 0.06
C GLY A 24 13.41 5.63 -1.36
N SER A 25 12.56 5.04 -2.19
CA SER A 25 12.90 4.73 -3.56
C SER A 25 13.25 5.97 -4.39
N ARG A 26 12.44 7.03 -4.30
CA ARG A 26 12.71 8.23 -5.08
C ARG A 26 11.81 9.40 -4.68
N TRP A 27 10.53 9.12 -4.54
CA TRP A 27 9.56 10.14 -4.19
C TRP A 27 8.89 9.81 -2.87
N ASP B 2 -8.06 -2.72 -7.99
CA ASP B 2 -8.39 -3.51 -6.81
C ASP B 2 -7.29 -3.36 -5.77
N LEU B 3 -6.06 -3.59 -6.19
CA LEU B 3 -4.93 -3.44 -5.29
C LEU B 3 -4.76 -1.98 -4.87
N GLN B 4 -4.57 -1.12 -5.86
CA GLN B 4 -4.39 0.30 -5.63
C GLN B 4 -5.67 0.96 -5.10
N THR B 5 -6.74 0.79 -5.86
CA THR B 5 -8.02 1.41 -5.56
C THR B 5 -8.68 0.90 -4.27
N LEU B 6 -8.73 -0.41 -4.08
CA LEU B 6 -9.40 -0.96 -2.89
C LEU B 6 -8.50 -1.01 -1.65
N CYS B 7 -7.47 -0.18 -1.60
CA CYS B 7 -6.60 -0.16 -0.42
C CYS B 7 -7.37 0.40 0.77
N CYS B 8 -8.33 1.27 0.50
CA CYS B 8 -9.15 1.89 1.53
C CYS B 8 -10.28 0.96 1.98
N THR B 9 -10.90 0.28 1.03
CA THR B 9 -12.03 -0.60 1.33
C THR B 9 -11.59 -1.99 1.78
N ASP B 10 -10.64 -2.57 1.07
CA ASP B 10 -10.16 -3.92 1.35
C ASP B 10 -9.00 -3.90 2.36
N GLY B 11 -8.00 -3.07 2.09
CA GLY B 11 -6.85 -2.99 2.97
C GLY B 11 -5.63 -3.62 2.33
N CYS B 12 -4.51 -2.91 2.33
CA CYS B 12 -3.31 -3.42 1.70
C CYS B 12 -2.16 -3.55 2.69
N SER B 13 -1.44 -4.66 2.59
CA SER B 13 -0.29 -4.92 3.44
C SER B 13 0.95 -4.29 2.80
N MET B 14 2.01 -4.13 3.59
CA MET B 14 3.25 -3.54 3.09
C MET B 14 3.75 -4.32 1.88
N THR B 15 3.53 -5.63 1.89
CA THR B 15 3.91 -6.50 0.80
C THR B 15 3.20 -6.10 -0.49
N ASP B 16 1.95 -5.67 -0.36
CA ASP B 16 1.15 -5.23 -1.49
C ASP B 16 1.76 -3.98 -2.12
N LEU B 17 2.16 -3.05 -1.28
CA LEU B 17 2.76 -1.79 -1.73
C LEU B 17 4.09 -2.05 -2.41
N SER B 18 4.78 -3.11 -2.00
CA SER B 18 6.08 -3.47 -2.57
C SER B 18 5.99 -3.60 -4.09
N ALA B 19 4.90 -4.19 -4.57
CA ALA B 19 4.68 -4.38 -5.99
C ALA B 19 4.42 -3.07 -6.72
N LEU B 20 3.74 -2.15 -6.05
CA LEU B 20 3.41 -0.85 -6.64
C LEU B 20 4.65 0.04 -6.77
N CYS B 21 5.48 0.05 -5.74
CA CYS B 21 6.70 0.87 -5.76
C CYS B 21 7.79 0.17 -6.56
N ARG A 1 -4.85 -6.39 -3.46
CA ARG A 1 -4.13 -6.98 -2.31
C ARG A 1 -4.06 -8.50 -2.44
N ALA A 2 -2.89 -9.05 -2.19
CA ALA A 2 -2.70 -10.48 -2.27
C ALA A 2 -2.71 -11.06 -0.86
N ALA A 3 -2.11 -10.32 0.07
CA ALA A 3 -2.05 -10.73 1.46
C ALA A 3 -3.41 -10.54 2.14
N PRO A 4 -3.81 -11.50 2.99
CA PRO A 4 -5.09 -11.44 3.70
C PRO A 4 -5.18 -10.21 4.60
N TYR A 5 -4.15 -9.99 5.39
CA TYR A 5 -4.11 -8.85 6.29
C TYR A 5 -3.70 -7.60 5.52
N GLY A 6 -4.30 -6.47 5.85
CA GLY A 6 -3.98 -5.24 5.16
C GLY A 6 -4.55 -4.03 5.84
N VAL A 7 -3.78 -2.96 5.88
CA VAL A 7 -4.23 -1.72 6.50
C VAL A 7 -4.88 -0.82 5.46
N ARG A 8 -5.91 -0.10 5.88
CA ARG A 8 -6.62 0.79 4.96
C ARG A 8 -5.79 2.03 4.70
N LEU A 9 -5.50 2.25 3.42
CA LEU A 9 -4.69 3.38 2.99
C LEU A 9 -5.45 4.19 1.94
N CYS A 10 -5.44 5.50 2.08
CA CYS A 10 -6.15 6.36 1.13
C CYS A 10 -5.37 7.62 0.81
N GLY A 11 -5.51 8.09 -0.42
CA GLY A 11 -4.85 9.30 -0.86
C GLY A 11 -3.34 9.27 -0.67
N ARG A 12 -2.83 10.32 -0.05
CA ARG A 12 -1.41 10.46 0.21
C ARG A 12 -0.90 9.38 1.15
N GLU A 13 -1.75 8.98 2.10
CA GLU A 13 -1.37 7.98 3.09
C GLU A 13 -1.05 6.68 2.38
N PHE A 14 -1.87 6.37 1.39
CA PHE A 14 -1.70 5.17 0.58
C PHE A 14 -0.35 5.20 -0.13
N ILE A 15 -0.09 6.29 -0.83
CA ILE A 15 1.16 6.46 -1.55
C ILE A 15 2.36 6.48 -0.61
N ARG A 16 2.21 7.15 0.52
CA ARG A 16 3.28 7.25 1.51
C ARG A 16 3.64 5.86 2.02
N ALA A 17 2.63 5.07 2.32
CA ALA A 17 2.83 3.71 2.81
C ALA A 17 3.58 2.86 1.77
N VAL A 18 3.27 3.09 0.50
CA VAL A 18 3.93 2.38 -0.58
C VAL A 18 5.39 2.76 -0.63
N ILE A 19 5.64 4.05 -0.51
CA ILE A 19 7.01 4.56 -0.52
C ILE A 19 7.73 4.10 0.73
N PHE A 20 7.00 4.02 1.84
CA PHE A 20 7.56 3.57 3.10
C PHE A 20 8.14 2.17 2.91
N THR A 21 7.35 1.33 2.23
CA THR A 21 7.76 -0.02 1.93
C THR A 21 8.92 0.01 0.93
N CYS A 22 8.86 0.99 0.04
CA CYS A 22 9.89 1.19 -0.99
C CYS A 22 11.22 1.56 -0.35
N GLY A 23 11.16 2.23 0.80
CA GLY A 23 12.36 2.64 1.48
C GLY A 23 12.15 3.89 2.32
N GLY A 24 11.26 4.78 1.84
CA GLY A 24 10.98 6.00 2.56
C GLY A 24 12.20 6.91 2.62
N SER A 25 12.79 7.17 1.46
CA SER A 25 13.99 8.01 1.39
C SER A 25 14.09 8.69 0.03
N ARG A 26 13.89 7.91 -1.03
CA ARG A 26 13.98 8.42 -2.39
C ARG A 26 12.90 9.45 -2.67
N TRP A 27 11.77 9.30 -1.99
CA TRP A 27 10.63 10.18 -2.14
C TRP A 27 9.60 9.88 -1.07
N ASP B 2 -7.60 -3.06 -7.34
CA ASP B 2 -7.39 -4.03 -6.27
C ASP B 2 -6.25 -3.59 -5.36
N LEU B 3 -5.22 -2.99 -5.93
CA LEU B 3 -4.10 -2.52 -5.14
C LEU B 3 -4.24 -1.04 -4.84
N GLN B 4 -4.99 -0.34 -5.68
CA GLN B 4 -5.19 1.10 -5.49
C GLN B 4 -6.46 1.37 -4.68
N THR B 5 -7.58 0.91 -5.23
CA THR B 5 -8.90 1.13 -4.65
C THR B 5 -9.18 0.28 -3.39
N LEU B 6 -8.93 -1.02 -3.47
CA LEU B 6 -9.21 -1.95 -2.36
C LEU B 6 -8.50 -1.57 -1.06
N CYS B 7 -7.50 -0.71 -1.14
CA CYS B 7 -6.80 -0.28 0.07
C CYS B 7 -7.74 0.46 1.01
N CYS B 8 -8.63 1.26 0.42
CA CYS B 8 -9.62 1.99 1.20
C CYS B 8 -10.78 1.09 1.55
N THR B 9 -11.16 0.24 0.61
CA THR B 9 -12.28 -0.67 0.78
C THR B 9 -12.03 -1.66 1.92
N ASP B 10 -10.85 -2.27 1.94
CA ASP B 10 -10.53 -3.24 2.98
C ASP B 10 -9.12 -3.04 3.52
N GLY B 11 -8.14 -3.01 2.64
CA GLY B 11 -6.78 -2.83 3.10
C GLY B 11 -5.75 -3.45 2.20
N CYS B 12 -4.52 -3.00 2.32
CA CYS B 12 -3.41 -3.51 1.53
C CYS B 12 -2.19 -3.73 2.41
N SER B 13 -1.48 -4.80 2.18
CA SER B 13 -0.29 -5.12 2.95
C SER B 13 0.93 -4.50 2.30
N MET B 14 1.98 -4.29 3.11
CA MET B 14 3.23 -3.72 2.62
C MET B 14 3.78 -4.59 1.50
N THR B 15 3.50 -5.89 1.59
CA THR B 15 3.94 -6.86 0.59
C THR B 15 3.35 -6.50 -0.77
N ASP B 16 2.08 -6.12 -0.78
CA ASP B 16 1.38 -5.73 -2.00
C ASP B 16 1.97 -4.44 -2.52
N LEU B 17 2.21 -3.52 -1.59
CA LEU B 17 2.77 -2.20 -1.87
C LEU B 17 4.15 -2.31 -2.51
N SER B 18 4.87 -3.37 -2.19
CA SER B 18 6.21 -3.61 -2.72
C SER B 18 6.21 -3.64 -4.25
N ALA B 19 5.09 -4.09 -4.83
CA ALA B 19 4.96 -4.17 -6.27
C ALA B 19 4.99 -2.78 -6.92
N LEU B 20 4.36 -1.82 -6.25
CA LEU B 20 4.31 -0.44 -6.76
C LEU B 20 5.65 0.26 -6.59
N CYS B 21 6.32 -0.04 -5.49
CA CYS B 21 7.63 0.56 -5.20
C CYS B 21 8.36 -0.32 -4.19
N ARG A 1 -8.72 -6.47 -1.39
CA ARG A 1 -7.44 -7.07 -0.99
C ARG A 1 -7.36 -8.54 -1.39
N ALA A 2 -6.22 -8.95 -1.93
CA ALA A 2 -6.00 -10.33 -2.34
C ALA A 2 -5.47 -11.16 -1.17
N ALA A 3 -4.44 -10.64 -0.51
CA ALA A 3 -3.85 -11.31 0.64
C ALA A 3 -4.74 -11.18 1.87
N PRO A 4 -4.75 -12.20 2.74
CA PRO A 4 -5.58 -12.20 3.95
C PRO A 4 -5.40 -10.96 4.83
N TYR A 5 -4.16 -10.55 5.03
CA TYR A 5 -3.86 -9.39 5.86
C TYR A 5 -3.70 -8.14 5.00
N GLY A 6 -4.12 -7.00 5.54
CA GLY A 6 -4.02 -5.75 4.81
C GLY A 6 -4.38 -4.56 5.69
N VAL A 7 -3.57 -3.51 5.62
CA VAL A 7 -3.81 -2.30 6.40
C VAL A 7 -4.60 -1.28 5.58
N ARG A 8 -5.46 -0.53 6.24
CA ARG A 8 -6.28 0.48 5.57
C ARG A 8 -5.43 1.66 5.16
N LEU A 9 -5.34 1.90 3.85
CA LEU A 9 -4.58 3.00 3.32
C LEU A 9 -5.41 3.74 2.28
N CYS A 10 -5.38 5.06 2.32
CA CYS A 10 -6.17 5.86 1.37
C CYS A 10 -5.40 7.10 0.93
N GLY A 11 -5.62 7.49 -0.33
CA GLY A 11 -4.98 8.67 -0.90
C GLY A 11 -3.47 8.68 -0.80
N ARG A 12 -2.93 9.83 -0.42
CA ARG A 12 -1.49 10.00 -0.29
C ARG A 12 -0.97 9.18 0.90
N GLU A 13 -1.85 8.94 1.86
CA GLU A 13 -1.50 8.17 3.05
C GLU A 13 -1.15 6.75 2.64
N PHE A 14 -1.92 6.27 1.67
CA PHE A 14 -1.71 4.95 1.09
C PHE A 14 -0.33 4.92 0.44
N ILE A 15 -0.07 5.96 -0.34
CA ILE A 15 1.19 6.10 -1.04
C ILE A 15 2.38 6.13 -0.07
N ARG A 16 2.20 6.76 1.09
CA ARG A 16 3.26 6.83 2.08
C ARG A 16 3.77 5.45 2.46
N ALA A 17 2.85 4.52 2.72
CA ALA A 17 3.21 3.15 3.10
C ALA A 17 3.93 2.44 1.96
N VAL A 18 3.47 2.69 0.73
CA VAL A 18 4.09 2.09 -0.45
C VAL A 18 5.52 2.58 -0.56
N ILE A 19 5.67 3.86 -0.33
CA ILE A 19 6.96 4.53 -0.38
C ILE A 19 7.85 4.02 0.75
N PHE A 20 7.28 3.95 1.94
CA PHE A 20 7.96 3.47 3.13
C PHE A 20 8.53 2.07 2.90
N THR A 21 7.69 1.21 2.34
CA THR A 21 8.08 -0.17 2.06
C THR A 21 9.14 -0.21 0.96
N CYS A 22 9.04 0.73 0.03
CA CYS A 22 9.98 0.81 -1.08
C CYS A 22 11.33 1.34 -0.62
N GLY A 23 11.29 2.34 0.25
CA GLY A 23 12.50 2.96 0.74
C GLY A 23 12.60 4.39 0.24
N GLY A 24 12.37 4.57 -1.05
CA GLY A 24 12.42 5.89 -1.64
C GLY A 24 12.65 5.84 -3.13
N SER A 25 12.06 6.78 -3.87
CA SER A 25 12.21 6.85 -5.32
C SER A 25 11.68 8.18 -5.87
N ARG A 26 10.46 8.17 -6.40
CA ARG A 26 9.85 9.38 -6.96
C ARG A 26 8.35 9.33 -6.83
N TRP A 27 7.83 10.25 -6.02
CA TRP A 27 6.41 10.34 -5.72
C TRP A 27 6.09 11.76 -5.33
N ASP B 2 -6.76 -2.45 -6.64
CA ASP B 2 -6.88 -3.13 -5.35
C ASP B 2 -6.06 -2.41 -4.30
N LEU B 3 -4.76 -2.27 -4.57
CA LEU B 3 -3.87 -1.59 -3.64
C LEU B 3 -4.29 -0.14 -3.46
N GLN B 4 -4.65 0.49 -4.55
CA GLN B 4 -5.09 1.88 -4.52
C GLN B 4 -6.56 1.99 -4.18
N THR B 5 -7.36 1.22 -4.90
CA THR B 5 -8.80 1.24 -4.76
C THR B 5 -9.34 0.47 -3.54
N LEU B 6 -9.24 -0.85 -3.58
CA LEU B 6 -9.78 -1.70 -2.51
C LEU B 6 -9.12 -1.51 -1.14
N CYS B 7 -7.88 -1.06 -1.10
CA CYS B 7 -7.18 -0.87 0.17
C CYS B 7 -7.95 0.03 1.13
N CYS B 8 -8.62 1.04 0.60
CA CYS B 8 -9.39 1.95 1.43
C CYS B 8 -10.68 1.25 1.89
N THR B 9 -11.11 0.26 1.12
CA THR B 9 -12.31 -0.51 1.43
C THR B 9 -11.98 -1.64 2.43
N ASP B 10 -10.96 -2.43 2.12
CA ASP B 10 -10.55 -3.51 3.00
C ASP B 10 -9.13 -3.27 3.51
N GLY B 11 -8.14 -3.30 2.62
CA GLY B 11 -6.78 -3.06 3.03
C GLY B 11 -5.78 -3.48 1.97
N CYS B 12 -4.49 -3.31 2.26
CA CYS B 12 -3.44 -3.67 1.33
C CYS B 12 -2.13 -3.93 2.08
N SER B 13 -1.46 -5.00 1.74
CA SER B 13 -0.21 -5.37 2.40
C SER B 13 0.96 -4.61 1.81
N MET B 14 1.91 -4.26 2.67
CA MET B 14 3.11 -3.53 2.26
C MET B 14 3.86 -4.30 1.18
N THR B 15 3.81 -5.62 1.25
CA THR B 15 4.47 -6.49 0.28
C THR B 15 3.93 -6.23 -1.13
N ASP B 16 2.62 -6.13 -1.22
CA ASP B 16 1.94 -5.89 -2.49
C ASP B 16 2.24 -4.48 -2.99
N LEU B 17 2.36 -3.56 -2.04
CA LEU B 17 2.63 -2.16 -2.35
C LEU B 17 3.98 -1.98 -3.04
N SER B 18 4.96 -2.78 -2.66
CA SER B 18 6.32 -2.69 -3.22
C SER B 18 6.30 -2.66 -4.75
N ALA B 19 5.40 -3.42 -5.36
CA ALA B 19 5.30 -3.48 -6.82
C ALA B 19 4.92 -2.13 -7.44
N LEU B 20 4.08 -1.37 -6.72
CA LEU B 20 3.63 -0.07 -7.20
C LEU B 20 4.75 0.95 -7.31
N CYS B 21 5.70 0.88 -6.38
CA CYS B 21 6.83 1.80 -6.38
C CYS B 21 7.71 1.60 -7.61
N ARG A 1 -2.41 -7.23 -6.13
CA ARG A 1 -2.53 -7.76 -4.76
C ARG A 1 -2.18 -9.24 -4.73
N ALA A 2 -1.65 -9.70 -3.61
CA ALA A 2 -1.27 -11.09 -3.47
C ALA A 2 -1.61 -11.59 -2.07
N ALA A 3 -1.29 -10.80 -1.07
CA ALA A 3 -1.58 -11.18 0.31
C ALA A 3 -3.00 -10.78 0.70
N PRO A 4 -3.73 -11.70 1.37
CA PRO A 4 -5.11 -11.46 1.80
C PRO A 4 -5.22 -10.34 2.83
N TYR A 5 -4.39 -10.43 3.86
CA TYR A 5 -4.38 -9.44 4.93
C TYR A 5 -3.98 -8.07 4.40
N GLY A 6 -4.51 -7.02 4.99
CA GLY A 6 -4.18 -5.69 4.56
C GLY A 6 -4.66 -4.61 5.50
N VAL A 7 -3.89 -3.55 5.61
CA VAL A 7 -4.22 -2.42 6.47
C VAL A 7 -4.96 -1.36 5.65
N ARG A 8 -5.86 -0.63 6.29
CA ARG A 8 -6.62 0.41 5.61
C ARG A 8 -5.72 1.60 5.26
N LEU A 9 -5.52 1.82 3.96
CA LEU A 9 -4.68 2.92 3.49
C LEU A 9 -5.38 3.64 2.35
N CYS A 10 -5.28 4.97 2.34
CA CYS A 10 -5.92 5.76 1.30
C CYS A 10 -5.08 6.98 0.92
N GLY A 11 -5.38 7.51 -0.26
CA GLY A 11 -4.72 8.70 -0.79
C GLY A 11 -3.21 8.76 -0.56
N ARG A 12 -2.77 9.85 0.05
CA ARG A 12 -1.37 10.09 0.32
C ARG A 12 -0.83 9.15 1.38
N GLU A 13 -1.69 8.79 2.32
CA GLU A 13 -1.30 7.89 3.41
C GLU A 13 -0.93 6.54 2.84
N PHE A 14 -1.73 6.09 1.88
CA PHE A 14 -1.51 4.83 1.20
C PHE A 14 -0.17 4.85 0.47
N ILE A 15 0.03 5.87 -0.34
CA ILE A 15 1.25 6.00 -1.12
C ILE A 15 2.47 6.13 -0.21
N ARG A 16 2.31 6.81 0.91
CA ARG A 16 3.43 6.96 1.85
C ARG A 16 3.80 5.60 2.42
N ALA A 17 2.80 4.76 2.66
CA ALA A 17 3.04 3.41 3.18
C ALA A 17 3.77 2.58 2.11
N VAL A 18 3.45 2.87 0.84
CA VAL A 18 4.09 2.19 -0.28
C VAL A 18 5.57 2.53 -0.27
N ILE A 19 5.83 3.80 -0.02
CA ILE A 19 7.19 4.31 0.04
C ILE A 19 7.88 3.78 1.29
N PHE A 20 7.11 3.62 2.36
CA PHE A 20 7.62 3.07 3.60
C PHE A 20 8.19 1.69 3.31
N THR A 21 7.42 0.93 2.54
CA THR A 21 7.81 -0.40 2.12
C THR A 21 8.99 -0.33 1.16
N CYS A 22 8.98 0.72 0.35
CA CYS A 22 10.04 0.96 -0.63
C CYS A 22 11.33 1.43 0.05
N GLY A 23 11.25 1.64 1.36
CA GLY A 23 12.40 2.09 2.12
C GLY A 23 12.79 3.54 1.82
N GLY A 24 11.81 4.36 1.49
CA GLY A 24 12.08 5.77 1.19
C GLY A 24 13.09 5.95 0.08
N SER A 25 12.87 5.24 -1.03
CA SER A 25 13.78 5.28 -2.16
C SER A 25 13.84 6.65 -2.83
N ARG A 26 12.72 7.37 -2.87
CA ARG A 26 12.70 8.69 -3.51
C ARG A 26 11.44 9.48 -3.18
N TRP A 27 11.05 9.47 -1.92
CA TRP A 27 9.87 10.19 -1.47
C TRP A 27 10.11 10.71 -0.05
N ASP B 2 -7.04 -2.70 -7.20
CA ASP B 2 -7.10 -3.75 -6.19
C ASP B 2 -6.12 -3.45 -5.05
N LEU B 3 -5.11 -2.67 -5.35
CA LEU B 3 -4.11 -2.32 -4.35
C LEU B 3 -4.53 -1.09 -3.53
N GLN B 4 -4.92 -0.01 -4.19
CA GLN B 4 -5.32 1.21 -3.50
C GLN B 4 -6.81 1.24 -3.19
N THR B 5 -7.61 1.11 -4.24
CA THR B 5 -9.06 1.13 -4.13
C THR B 5 -9.58 0.11 -3.11
N LEU B 6 -9.13 -1.13 -3.23
CA LEU B 6 -9.55 -2.19 -2.31
C LEU B 6 -8.94 -1.99 -0.93
N CYS B 7 -7.85 -1.25 -0.86
CA CYS B 7 -7.20 -0.99 0.42
C CYS B 7 -8.08 -0.09 1.28
N CYS B 8 -8.76 0.85 0.63
CA CYS B 8 -9.65 1.76 1.33
C CYS B 8 -10.86 1.02 1.88
N THR B 9 -11.33 0.03 1.15
CA THR B 9 -12.49 -0.75 1.58
C THR B 9 -12.11 -1.81 2.61
N ASP B 10 -11.22 -2.71 2.22
CA ASP B 10 -10.79 -3.79 3.10
C ASP B 10 -9.34 -3.62 3.57
N GLY B 11 -8.42 -3.48 2.65
CA GLY B 11 -7.03 -3.30 3.04
C GLY B 11 -6.04 -3.85 2.02
N CYS B 12 -4.81 -3.38 2.10
CA CYS B 12 -3.77 -3.81 1.19
C CYS B 12 -2.52 -4.21 1.97
N SER B 13 -1.88 -5.28 1.55
CA SER B 13 -0.69 -5.78 2.23
C SER B 13 0.52 -4.93 1.90
N MET B 14 1.38 -4.76 2.89
CA MET B 14 2.61 -3.99 2.75
C MET B 14 3.45 -4.53 1.60
N THR B 15 3.54 -5.86 1.52
CA THR B 15 4.29 -6.53 0.47
C THR B 15 3.78 -6.14 -0.92
N ASP B 16 2.47 -6.09 -1.05
CA ASP B 16 1.82 -5.78 -2.32
C ASP B 16 2.11 -4.35 -2.76
N LEU B 17 2.22 -3.44 -1.79
CA LEU B 17 2.49 -2.02 -2.06
C LEU B 17 3.76 -1.82 -2.88
N SER B 18 4.76 -2.68 -2.65
CA SER B 18 6.04 -2.60 -3.34
C SER B 18 5.89 -2.48 -4.86
N ALA B 19 4.84 -3.08 -5.41
CA ALA B 19 4.59 -3.08 -6.85
C ALA B 19 4.47 -1.65 -7.43
N LEU B 20 3.79 -0.76 -6.71
CA LEU B 20 3.60 0.60 -7.18
C LEU B 20 4.91 1.39 -7.22
N CYS B 21 5.74 1.23 -6.20
CA CYS B 21 7.00 1.94 -6.14
C CYS B 21 8.03 1.33 -7.09
N ARG A 1 -7.55 -8.16 3.82
CA ARG A 1 -6.66 -8.52 2.70
C ARG A 1 -6.37 -10.01 2.73
N ALA A 2 -6.24 -10.61 1.55
CA ALA A 2 -5.94 -12.04 1.43
C ALA A 2 -4.46 -12.29 1.69
N ALA A 3 -4.02 -11.92 2.88
CA ALA A 3 -2.63 -12.07 3.28
C ALA A 3 -2.53 -12.10 4.81
N PRO A 4 -1.42 -12.62 5.36
CA PRO A 4 -1.21 -12.73 6.81
C PRO A 4 -1.58 -11.45 7.56
N TYR A 5 -1.25 -10.31 6.98
CA TYR A 5 -1.56 -9.03 7.58
C TYR A 5 -1.94 -8.02 6.50
N GLY A 6 -2.77 -7.06 6.87
CA GLY A 6 -3.22 -6.07 5.92
C GLY A 6 -3.84 -4.88 6.60
N VAL A 7 -3.51 -3.69 6.15
CA VAL A 7 -4.04 -2.48 6.74
C VAL A 7 -4.66 -1.58 5.68
N ARG A 8 -5.76 -0.94 6.04
CA ARG A 8 -6.48 -0.06 5.14
C ARG A 8 -5.71 1.25 5.03
N LEU A 9 -5.38 1.65 3.81
CA LEU A 9 -4.61 2.87 3.58
C LEU A 9 -5.22 3.68 2.46
N CYS A 10 -5.24 5.00 2.61
CA CYS A 10 -5.80 5.88 1.61
C CYS A 10 -5.01 7.20 1.52
N GLY A 11 -5.37 8.01 0.54
CA GLY A 11 -4.73 9.30 0.33
C GLY A 11 -3.22 9.29 0.37
N ARG A 12 -2.66 10.24 1.09
CA ARG A 12 -1.22 10.38 1.23
C ARG A 12 -0.67 9.31 2.17
N GLU A 13 -1.52 8.82 3.05
CA GLU A 13 -1.13 7.80 4.00
C GLU A 13 -0.73 6.55 3.23
N PHE A 14 -1.55 6.21 2.25
CA PHE A 14 -1.31 5.08 1.38
C PHE A 14 -0.02 5.29 0.60
N ILE A 15 0.11 6.47 0.00
CA ILE A 15 1.28 6.82 -0.79
C ILE A 15 2.55 6.71 0.06
N ARG A 16 2.49 7.21 1.29
CA ARG A 16 3.64 7.16 2.18
C ARG A 16 3.98 5.72 2.56
N ALA A 17 2.96 4.91 2.82
CA ALA A 17 3.17 3.52 3.19
C ALA A 17 3.83 2.73 2.05
N VAL A 18 3.46 3.05 0.82
CA VAL A 18 4.03 2.39 -0.35
C VAL A 18 5.50 2.72 -0.44
N ILE A 19 5.80 3.99 -0.21
CA ILE A 19 7.18 4.45 -0.26
C ILE A 19 7.97 3.95 0.95
N PHE A 20 7.29 3.86 2.08
CA PHE A 20 7.90 3.35 3.30
C PHE A 20 8.40 1.95 3.05
N THR A 21 7.54 1.15 2.44
CA THR A 21 7.85 -0.22 2.09
C THR A 21 8.93 -0.25 0.99
N CYS A 22 8.87 0.75 0.12
CA CYS A 22 9.81 0.88 -0.98
C CYS A 22 11.22 1.15 -0.46
N GLY A 23 11.30 1.78 0.70
CA GLY A 23 12.58 2.09 1.30
C GLY A 23 13.16 3.41 0.82
N GLY A 24 12.28 4.37 0.51
CA GLY A 24 12.72 5.68 0.06
C GLY A 24 13.63 5.63 -1.15
N SER A 25 13.16 4.95 -2.21
CA SER A 25 13.93 4.81 -3.43
C SER A 25 14.15 6.15 -4.15
N ARG A 26 13.17 7.03 -4.08
CA ARG A 26 13.28 8.34 -4.74
C ARG A 26 12.24 9.31 -4.20
N TRP A 27 11.81 9.06 -2.98
CA TRP A 27 10.80 9.87 -2.29
C TRP A 27 10.55 9.28 -0.91
N ASP B 2 -6.77 -2.34 -7.31
CA ASP B 2 -6.54 -3.18 -6.15
C ASP B 2 -5.84 -2.37 -5.06
N LEU B 3 -4.63 -1.94 -5.38
CA LEU B 3 -3.84 -1.15 -4.44
C LEU B 3 -4.51 0.20 -4.15
N GLN B 4 -5.02 0.82 -5.19
CA GLN B 4 -5.67 2.11 -5.03
C GLN B 4 -7.10 1.94 -4.51
N THR B 5 -7.77 0.93 -5.04
CA THR B 5 -9.16 0.66 -4.72
C THR B 5 -9.36 -0.26 -3.49
N LEU B 6 -8.99 -1.53 -3.63
CA LEU B 6 -9.18 -2.52 -2.56
C LEU B 6 -8.54 -2.14 -1.22
N CYS B 7 -7.38 -1.50 -1.26
CA CYS B 7 -6.70 -1.11 -0.02
C CYS B 7 -7.58 -0.20 0.82
N CYS B 8 -8.35 0.66 0.17
CA CYS B 8 -9.25 1.56 0.88
C CYS B 8 -10.54 0.85 1.28
N THR B 9 -10.91 -0.16 0.53
CA THR B 9 -12.13 -0.92 0.81
C THR B 9 -11.92 -1.91 1.96
N ASP B 10 -10.84 -2.67 1.86
CA ASP B 10 -10.51 -3.68 2.85
C ASP B 10 -9.18 -3.34 3.52
N GLY B 11 -8.10 -3.49 2.77
CA GLY B 11 -6.78 -3.22 3.27
C GLY B 11 -5.76 -4.02 2.51
N CYS B 12 -4.49 -3.67 2.62
CA CYS B 12 -3.45 -4.39 1.89
C CYS B 12 -2.20 -4.55 2.73
N SER B 13 -1.38 -5.53 2.35
CA SER B 13 -0.13 -5.81 3.01
C SER B 13 0.94 -4.89 2.43
N MET B 14 2.03 -4.69 3.18
CA MET B 14 3.12 -3.84 2.70
C MET B 14 3.68 -4.42 1.41
N THR B 15 3.66 -5.75 1.32
CA THR B 15 4.14 -6.46 0.15
C THR B 15 3.32 -6.10 -1.09
N ASP B 16 2.01 -5.91 -0.89
CA ASP B 16 1.12 -5.54 -1.98
C ASP B 16 1.50 -4.17 -2.53
N LEU B 17 1.72 -3.24 -1.60
CA LEU B 17 2.09 -1.87 -1.92
C LEU B 17 3.41 -1.80 -2.68
N SER B 18 4.30 -2.75 -2.41
CA SER B 18 5.61 -2.79 -3.06
C SER B 18 5.49 -2.79 -4.58
N ALA B 19 4.43 -3.39 -5.10
CA ALA B 19 4.21 -3.49 -6.54
C ALA B 19 4.08 -2.11 -7.20
N LEU B 20 3.40 -1.18 -6.55
CA LEU B 20 3.20 0.16 -7.11
C LEU B 20 4.51 0.92 -7.25
N CYS B 21 5.38 0.81 -6.25
CA CYS B 21 6.65 1.52 -6.27
C CYS B 21 7.64 0.82 -7.21
N ARG A 1 -9.75 -5.49 -2.08
CA ARG A 1 -9.25 -6.87 -2.23
C ARG A 1 -9.33 -7.64 -0.92
N ALA A 2 -10.13 -8.69 -0.90
CA ALA A 2 -10.25 -9.53 0.28
C ALA A 2 -8.95 -10.30 0.49
N ALA A 3 -8.47 -10.31 1.73
CA ALA A 3 -7.22 -10.99 2.04
C ALA A 3 -7.13 -11.26 3.54
N PRO A 4 -6.42 -12.33 3.95
CA PRO A 4 -6.25 -12.70 5.36
C PRO A 4 -5.71 -11.55 6.19
N TYR A 5 -4.76 -10.83 5.61
CA TYR A 5 -4.16 -9.68 6.28
C TYR A 5 -4.07 -8.53 5.30
N GLY A 6 -4.34 -7.33 5.78
CA GLY A 6 -4.29 -6.18 4.91
C GLY A 6 -4.51 -4.88 5.66
N VAL A 7 -3.57 -3.95 5.52
CA VAL A 7 -3.67 -2.67 6.18
C VAL A 7 -4.45 -1.70 5.31
N ARG A 8 -5.31 -0.92 5.95
CA ARG A 8 -6.11 0.06 5.24
C ARG A 8 -5.37 1.38 5.15
N LEU A 9 -5.16 1.83 3.92
CA LEU A 9 -4.44 3.06 3.66
C LEU A 9 -5.23 3.90 2.66
N CYS A 10 -5.22 5.22 2.86
CA CYS A 10 -5.96 6.11 1.98
C CYS A 10 -5.14 7.34 1.62
N GLY A 11 -5.59 8.04 0.56
CA GLY A 11 -4.96 9.26 0.10
C GLY A 11 -3.45 9.31 0.18
N ARG A 12 -2.95 10.31 0.91
CA ARG A 12 -1.52 10.52 1.08
C ARG A 12 -0.89 9.46 1.96
N GLU A 13 -1.65 8.97 2.92
CA GLU A 13 -1.16 7.94 3.82
C GLU A 13 -0.83 6.68 3.03
N PHE A 14 -1.73 6.37 2.10
CA PHE A 14 -1.57 5.20 1.24
C PHE A 14 -0.29 5.31 0.43
N ILE A 15 -0.15 6.40 -0.32
CA ILE A 15 1.04 6.59 -1.15
C ILE A 15 2.31 6.64 -0.31
N ARG A 16 2.27 7.29 0.85
CA ARG A 16 3.45 7.36 1.70
C ARG A 16 3.83 5.98 2.22
N ALA A 17 2.83 5.16 2.55
CA ALA A 17 3.08 3.81 3.05
C ALA A 17 3.79 2.98 1.99
N VAL A 18 3.46 3.23 0.72
CA VAL A 18 4.09 2.54 -0.40
C VAL A 18 5.57 2.89 -0.41
N ILE A 19 5.83 4.17 -0.21
CA ILE A 19 7.18 4.69 -0.16
C ILE A 19 7.91 4.14 1.07
N PHE A 20 7.19 4.14 2.19
CA PHE A 20 7.72 3.62 3.46
C PHE A 20 8.20 2.20 3.29
N THR A 21 7.34 1.38 2.69
CA THR A 21 7.65 -0.02 2.46
C THR A 21 8.81 -0.16 1.46
N CYS A 22 8.83 0.74 0.48
CA CYS A 22 9.85 0.74 -0.54
C CYS A 22 11.22 1.10 0.04
N GLY A 23 11.23 2.05 0.96
CA GLY A 23 12.48 2.46 1.58
C GLY A 23 12.66 3.97 1.56
N GLY A 24 11.99 4.63 0.63
CA GLY A 24 12.10 6.07 0.51
C GLY A 24 13.47 6.50 0.02
N SER A 25 14.06 5.66 -0.82
CA SER A 25 15.38 5.91 -1.37
C SER A 25 15.30 6.50 -2.76
N ARG A 26 14.27 7.29 -2.99
CA ARG A 26 14.06 7.92 -4.30
C ARG A 26 12.91 8.91 -4.23
N TRP A 27 11.94 8.59 -3.40
CA TRP A 27 10.76 9.42 -3.24
C TRP A 27 10.10 9.08 -1.91
N ASP B 2 -8.12 -2.17 -7.50
CA ASP B 2 -8.49 -2.99 -6.36
C ASP B 2 -7.37 -2.97 -5.34
N LEU B 3 -6.17 -3.29 -5.77
CA LEU B 3 -5.01 -3.28 -4.89
C LEU B 3 -4.75 -1.86 -4.39
N GLN B 4 -4.76 -0.92 -5.32
CA GLN B 4 -4.52 0.48 -5.00
C GLN B 4 -5.78 1.14 -4.45
N THR B 5 -6.84 1.06 -5.23
CA THR B 5 -8.12 1.68 -4.89
C THR B 5 -8.82 1.05 -3.67
N LEU B 6 -9.00 -0.26 -3.69
CA LEU B 6 -9.70 -0.94 -2.58
C LEU B 6 -8.80 -1.20 -1.37
N CYS B 7 -7.88 -0.30 -1.08
CA CYS B 7 -7.04 -0.47 0.10
C CYS B 7 -7.79 0.02 1.32
N CYS B 8 -8.58 1.07 1.12
CA CYS B 8 -9.39 1.66 2.19
C CYS B 8 -10.51 0.71 2.62
N THR B 9 -11.07 -0.02 1.66
CA THR B 9 -12.15 -0.95 1.93
C THR B 9 -11.67 -2.21 2.65
N ASP B 10 -10.71 -2.90 2.06
CA ASP B 10 -10.21 -4.13 2.66
C ASP B 10 -8.79 -3.93 3.19
N GLY B 11 -7.86 -3.73 2.27
CA GLY B 11 -6.47 -3.54 2.64
C GLY B 11 -5.54 -3.87 1.50
N CYS B 12 -4.57 -3.01 1.27
CA CYS B 12 -3.61 -3.22 0.20
C CYS B 12 -2.37 -3.93 0.69
N SER B 13 -2.09 -3.80 1.98
CA SER B 13 -0.94 -4.45 2.61
C SER B 13 0.39 -3.85 2.14
N MET B 14 1.33 -3.75 3.06
CA MET B 14 2.65 -3.19 2.76
C MET B 14 3.39 -4.06 1.76
N THR B 15 3.28 -5.37 1.92
CA THR B 15 3.93 -6.33 1.03
C THR B 15 3.65 -6.03 -0.44
N ASP B 16 2.38 -5.81 -0.75
CA ASP B 16 1.95 -5.52 -2.12
C ASP B 16 2.43 -4.15 -2.58
N LEU B 17 2.47 -3.20 -1.65
CA LEU B 17 2.90 -1.83 -1.93
C LEU B 17 4.28 -1.80 -2.57
N SER B 18 5.12 -2.75 -2.19
CA SER B 18 6.49 -2.84 -2.71
C SER B 18 6.50 -2.83 -4.24
N ALA B 19 5.54 -3.54 -4.83
CA ALA B 19 5.43 -3.61 -6.29
C ALA B 19 5.00 -2.27 -6.88
N LEU B 20 4.12 -1.56 -6.16
CA LEU B 20 3.62 -0.27 -6.62
C LEU B 20 4.74 0.76 -6.72
N CYS B 21 5.75 0.63 -5.87
CA CYS B 21 6.88 1.54 -5.88
C CYS B 21 7.65 1.44 -7.20
N ARG A 1 -9.22 -8.89 0.61
CA ARG A 1 -8.87 -8.93 -0.83
C ARG A 1 -7.83 -10.01 -1.08
N ALA A 2 -6.95 -9.80 -2.06
CA ALA A 2 -5.92 -10.79 -2.39
C ALA A 2 -5.08 -11.13 -1.17
N ALA A 3 -4.59 -10.11 -0.47
CA ALA A 3 -3.79 -10.32 0.73
C ALA A 3 -4.70 -10.55 1.93
N PRO A 4 -4.37 -11.53 2.76
CA PRO A 4 -5.15 -11.86 3.97
C PRO A 4 -5.17 -10.70 4.96
N TYR A 5 -4.00 -10.12 5.18
CA TYR A 5 -3.86 -9.00 6.10
C TYR A 5 -3.54 -7.72 5.33
N GLY A 6 -4.15 -6.62 5.75
CA GLY A 6 -3.92 -5.35 5.09
C GLY A 6 -4.49 -4.19 5.88
N VAL A 7 -3.81 -3.06 5.84
CA VAL A 7 -4.25 -1.87 6.56
C VAL A 7 -4.88 -0.87 5.59
N ARG A 8 -5.85 -0.12 6.07
CA ARG A 8 -6.52 0.87 5.23
C ARG A 8 -5.57 2.00 4.88
N LEU A 9 -5.36 2.20 3.59
CA LEU A 9 -4.47 3.25 3.10
C LEU A 9 -5.24 4.12 2.11
N CYS A 10 -5.23 5.43 2.32
CA CYS A 10 -5.95 6.33 1.45
C CYS A 10 -5.16 7.59 1.12
N GLY A 11 -5.32 8.06 -0.12
CA GLY A 11 -4.65 9.26 -0.58
C GLY A 11 -3.17 9.33 -0.28
N ARG A 12 -2.76 10.45 0.30
CA ARG A 12 -1.36 10.72 0.65
C ARG A 12 -0.77 9.59 1.48
N GLU A 13 -1.57 9.10 2.41
CA GLU A 13 -1.17 8.03 3.30
C GLU A 13 -0.80 6.78 2.51
N PHE A 14 -1.64 6.45 1.54
CA PHE A 14 -1.40 5.29 0.69
C PHE A 14 -0.11 5.48 -0.09
N ILE A 15 0.03 6.64 -0.71
CA ILE A 15 1.21 6.95 -1.49
C ILE A 15 2.46 6.91 -0.61
N ARG A 16 2.39 7.52 0.57
CA ARG A 16 3.54 7.52 1.47
C ARG A 16 3.86 6.10 1.92
N ALA A 17 2.82 5.29 2.12
CA ALA A 17 2.99 3.90 2.54
C ALA A 17 3.73 3.09 1.48
N VAL A 18 3.43 3.38 0.22
CA VAL A 18 4.11 2.70 -0.89
C VAL A 18 5.58 3.07 -0.85
N ILE A 19 5.82 4.35 -0.59
CA ILE A 19 7.16 4.87 -0.47
C ILE A 19 7.85 4.25 0.74
N PHE A 20 7.10 4.11 1.83
CA PHE A 20 7.59 3.51 3.05
C PHE A 20 8.06 2.09 2.79
N THR A 21 7.34 1.42 1.90
CA THR A 21 7.67 0.06 1.51
C THR A 21 9.04 0.05 0.80
N CYS A 22 9.32 1.14 0.08
CA CYS A 22 10.59 1.30 -0.63
C CYS A 22 11.72 1.60 0.36
N GLY A 23 11.35 1.88 1.60
CA GLY A 23 12.33 2.20 2.62
C GLY A 23 13.00 3.54 2.41
N GLY A 24 12.28 4.45 1.74
CA GLY A 24 12.81 5.78 1.47
C GLY A 24 14.14 5.75 0.75
N SER A 25 14.35 4.72 -0.05
CA SER A 25 15.61 4.55 -0.77
C SER A 25 15.49 5.11 -2.20
N ARG A 26 14.65 6.10 -2.38
CA ARG A 26 14.44 6.71 -3.69
C ARG A 26 13.48 7.88 -3.60
N TRP A 27 12.54 7.78 -2.67
CA TRP A 27 11.52 8.80 -2.47
C TRP A 27 10.84 8.59 -1.13
N ASP B 2 -7.42 -4.21 -7.31
CA ASP B 2 -7.48 -4.87 -6.01
C ASP B 2 -6.48 -4.23 -5.06
N LEU B 3 -5.41 -3.67 -5.61
CA LEU B 3 -4.41 -3.00 -4.81
C LEU B 3 -4.90 -1.60 -4.40
N GLN B 4 -4.59 -0.60 -5.22
CA GLN B 4 -4.95 0.79 -4.95
C GLN B 4 -6.45 0.98 -4.66
N THR B 5 -7.28 0.54 -5.59
CA THR B 5 -8.72 0.68 -5.48
C THR B 5 -9.29 0.03 -4.21
N LEU B 6 -8.77 -1.13 -3.82
CA LEU B 6 -9.26 -1.82 -2.64
C LEU B 6 -8.44 -1.52 -1.38
N CYS B 7 -7.65 -0.46 -1.40
CA CYS B 7 -6.85 -0.10 -0.23
C CYS B 7 -7.72 0.46 0.89
N CYS B 8 -8.64 1.35 0.52
CA CYS B 8 -9.54 1.95 1.49
C CYS B 8 -10.72 1.03 1.77
N THR B 9 -11.18 0.36 0.73
CA THR B 9 -12.32 -0.53 0.84
C THR B 9 -12.01 -1.82 1.61
N ASP B 10 -10.91 -2.47 1.27
CA ASP B 10 -10.53 -3.72 1.93
C ASP B 10 -9.32 -3.53 2.84
N GLY B 11 -8.17 -3.29 2.23
CA GLY B 11 -6.96 -3.08 3.00
C GLY B 11 -5.72 -3.49 2.23
N CYS B 12 -4.67 -2.69 2.33
CA CYS B 12 -3.43 -2.99 1.62
C CYS B 12 -2.26 -3.15 2.59
N SER B 13 -1.40 -4.11 2.31
CA SER B 13 -0.26 -4.37 3.15
C SER B 13 1.02 -3.98 2.40
N MET B 14 2.11 -3.78 3.15
CA MET B 14 3.39 -3.43 2.56
C MET B 14 3.84 -4.53 1.60
N THR B 15 3.34 -5.74 1.83
CA THR B 15 3.67 -6.88 1.00
C THR B 15 3.18 -6.65 -0.43
N ASP B 16 1.97 -6.13 -0.55
CA ASP B 16 1.38 -5.85 -1.86
C ASP B 16 2.00 -4.60 -2.47
N LEU B 17 2.22 -3.61 -1.63
CA LEU B 17 2.77 -2.33 -2.03
C LEU B 17 4.14 -2.47 -2.70
N SER B 18 4.85 -3.55 -2.42
CA SER B 18 6.16 -3.79 -2.99
C SER B 18 6.13 -3.70 -4.52
N ALA B 19 5.06 -4.23 -5.11
CA ALA B 19 4.89 -4.20 -6.55
C ALA B 19 4.70 -2.78 -7.06
N LEU B 20 3.96 -1.98 -6.29
CA LEU B 20 3.71 -0.59 -6.65
C LEU B 20 4.99 0.24 -6.48
N CYS B 21 5.80 -0.15 -5.51
CA CYS B 21 7.06 0.53 -5.22
C CYS B 21 7.99 0.48 -6.43
N ARG A 1 -4.11 -8.83 -4.31
CA ARG A 1 -3.10 -8.87 -3.24
C ARG A 1 -2.52 -10.28 -3.11
N ALA A 2 -1.21 -10.36 -3.04
CA ALA A 2 -0.53 -11.64 -2.90
C ALA A 2 -0.54 -12.07 -1.44
N ALA A 3 -0.31 -11.11 -0.56
CA ALA A 3 -0.31 -11.37 0.88
C ALA A 3 -1.70 -11.11 1.45
N PRO A 4 -2.34 -12.15 2.01
CA PRO A 4 -3.69 -12.06 2.56
C PRO A 4 -3.79 -11.27 3.86
N TYR A 5 -4.08 -10.00 3.70
CA TYR A 5 -4.28 -9.06 4.80
C TYR A 5 -4.53 -7.69 4.19
N GLY A 6 -4.69 -6.67 5.02
CA GLY A 6 -4.93 -5.34 4.48
C GLY A 6 -5.05 -4.27 5.53
N VAL A 7 -4.66 -3.07 5.15
CA VAL A 7 -4.73 -1.91 6.01
C VAL A 7 -5.32 -0.75 5.23
N ARG A 8 -6.14 0.07 5.89
CA ARG A 8 -6.78 1.20 5.23
C ARG A 8 -5.78 2.30 4.90
N LEU A 9 -5.48 2.45 3.62
CA LEU A 9 -4.54 3.46 3.16
C LEU A 9 -5.11 4.21 1.97
N CYS A 10 -5.07 5.53 2.01
CA CYS A 10 -5.59 6.35 0.92
C CYS A 10 -4.86 7.68 0.83
N GLY A 11 -5.03 8.36 -0.31
CA GLY A 11 -4.40 9.64 -0.52
C GLY A 11 -2.90 9.62 -0.34
N ARG A 12 -2.39 10.66 0.31
CA ARG A 12 -0.96 10.79 0.57
C ARG A 12 -0.47 9.70 1.52
N GLU A 13 -1.37 9.22 2.36
CA GLU A 13 -1.05 8.19 3.32
C GLU A 13 -0.71 6.90 2.59
N PHE A 14 -1.48 6.62 1.56
CA PHE A 14 -1.26 5.44 0.73
C PHE A 14 0.09 5.55 0.05
N ILE A 15 0.36 6.73 -0.51
CA ILE A 15 1.62 6.99 -1.19
C ILE A 15 2.79 6.79 -0.24
N ARG A 16 2.66 7.33 0.96
CA ARG A 16 3.71 7.21 1.96
C ARG A 16 3.92 5.76 2.38
N ALA A 17 2.84 5.01 2.50
CA ALA A 17 2.93 3.60 2.88
C ALA A 17 3.67 2.80 1.81
N VAL A 18 3.43 3.13 0.55
CA VAL A 18 4.09 2.45 -0.56
C VAL A 18 5.57 2.76 -0.54
N ILE A 19 5.87 4.03 -0.30
CA ILE A 19 7.25 4.49 -0.25
C ILE A 19 7.93 3.97 1.01
N PHE A 20 7.17 3.87 2.09
CA PHE A 20 7.67 3.35 3.36
C PHE A 20 8.18 1.93 3.13
N THR A 21 7.37 1.16 2.42
CA THR A 21 7.71 -0.22 2.08
C THR A 21 8.86 -0.23 1.07
N CYS A 22 8.85 0.75 0.17
CA CYS A 22 9.88 0.88 -0.85
C CYS A 22 11.25 1.15 -0.21
N GLY A 23 11.23 1.74 0.97
CA GLY A 23 12.46 2.04 1.67
C GLY A 23 13.01 3.42 1.34
N GLY A 24 12.10 4.39 1.17
CA GLY A 24 12.52 5.75 0.86
C GLY A 24 13.23 5.84 -0.48
N SER A 25 12.56 5.34 -1.52
CA SER A 25 13.12 5.34 -2.86
C SER A 25 13.46 6.75 -3.35
N ARG A 26 12.52 7.69 -3.18
CA ARG A 26 12.75 9.07 -3.62
C ARG A 26 11.62 9.98 -3.18
N TRP A 27 11.13 9.73 -1.98
CA TRP A 27 10.03 10.52 -1.43
C TRP A 27 10.30 10.80 0.04
N ASP B 2 -7.75 -4.71 -6.39
CA ASP B 2 -8.06 -5.07 -5.01
C ASP B 2 -7.01 -4.48 -4.07
N LEU B 3 -5.83 -4.23 -4.63
CA LEU B 3 -4.73 -3.67 -3.87
C LEU B 3 -4.91 -2.16 -3.65
N GLN B 4 -4.66 -1.38 -4.70
CA GLN B 4 -4.77 0.07 -4.62
C GLN B 4 -6.22 0.53 -4.49
N THR B 5 -7.02 0.17 -5.47
CA THR B 5 -8.43 0.56 -5.52
C THR B 5 -9.20 0.17 -4.25
N LEU B 6 -9.06 -1.06 -3.80
CA LEU B 6 -9.78 -1.50 -2.61
C LEU B 6 -8.98 -1.36 -1.33
N CYS B 7 -8.01 -0.44 -1.29
CA CYS B 7 -7.23 -0.26 -0.05
C CYS B 7 -8.08 0.46 0.99
N CYS B 8 -8.89 1.40 0.54
CA CYS B 8 -9.76 2.15 1.43
C CYS B 8 -10.92 1.27 1.90
N THR B 9 -11.38 0.41 1.01
CA THR B 9 -12.49 -0.49 1.31
C THR B 9 -12.07 -1.65 2.22
N ASP B 10 -11.11 -2.44 1.75
CA ASP B 10 -10.62 -3.59 2.50
C ASP B 10 -9.25 -3.29 3.10
N GLY B 11 -8.28 -3.04 2.24
CA GLY B 11 -6.95 -2.75 2.70
C GLY B 11 -5.87 -3.29 1.80
N CYS B 12 -4.88 -2.48 1.52
CA CYS B 12 -3.78 -2.91 0.66
C CYS B 12 -2.60 -3.39 1.49
N SER B 13 -2.11 -4.57 1.14
CA SER B 13 -1.00 -5.17 1.85
C SER B 13 0.29 -4.40 1.55
N MET B 14 1.05 -4.11 2.59
CA MET B 14 2.30 -3.36 2.41
C MET B 14 3.28 -4.16 1.56
N THR B 15 3.28 -5.49 1.72
CA THR B 15 4.15 -6.35 0.95
C THR B 15 3.84 -6.21 -0.54
N ASP B 16 2.55 -6.10 -0.84
CA ASP B 16 2.05 -5.93 -2.20
C ASP B 16 2.42 -4.55 -2.75
N LEU B 17 2.41 -3.56 -1.86
CA LEU B 17 2.73 -2.17 -2.21
C LEU B 17 4.12 -2.04 -2.82
N SER B 18 5.02 -2.96 -2.47
CA SER B 18 6.38 -2.94 -2.98
C SER B 18 6.42 -2.88 -4.51
N ALA B 19 5.50 -3.61 -5.14
CA ALA B 19 5.42 -3.66 -6.60
C ALA B 19 5.00 -2.31 -7.20
N LEU B 20 4.15 -1.59 -6.47
CA LEU B 20 3.66 -0.29 -6.95
C LEU B 20 4.79 0.73 -7.07
N CYS B 21 5.72 0.70 -6.14
CA CYS B 21 6.85 1.62 -6.16
C CYS B 21 7.95 1.10 -7.09
N ARG A 1 -9.51 -8.09 -1.24
CA ARG A 1 -8.43 -8.42 -0.30
C ARG A 1 -7.63 -9.61 -0.81
N ALA A 2 -7.12 -9.51 -2.04
CA ALA A 2 -6.34 -10.58 -2.65
C ALA A 2 -5.05 -10.82 -1.86
N ALA A 3 -4.47 -9.72 -1.38
CA ALA A 3 -3.24 -9.78 -0.60
C ALA A 3 -3.43 -10.55 0.70
N PRO A 4 -2.40 -11.31 1.14
CA PRO A 4 -2.44 -12.10 2.37
C PRO A 4 -2.88 -11.26 3.58
N TYR A 5 -2.33 -10.08 3.68
CA TYR A 5 -2.68 -9.15 4.75
C TYR A 5 -2.92 -7.79 4.15
N GLY A 6 -3.58 -6.90 4.87
CA GLY A 6 -3.86 -5.59 4.33
C GLY A 6 -4.14 -4.56 5.39
N VAL A 7 -3.59 -3.37 5.19
CA VAL A 7 -3.79 -2.26 6.10
C VAL A 7 -4.60 -1.18 5.40
N ARG A 8 -5.45 -0.50 6.15
CA ARG A 8 -6.29 0.55 5.58
C ARG A 8 -5.49 1.81 5.32
N LEU A 9 -5.23 2.07 4.05
CA LEU A 9 -4.48 3.25 3.64
C LEU A 9 -5.35 4.08 2.71
N CYS A 10 -5.44 5.38 2.98
CA CYS A 10 -6.27 6.24 2.16
C CYS A 10 -5.53 7.49 1.69
N GLY A 11 -5.70 7.77 0.39
CA GLY A 11 -5.09 8.94 -0.22
C GLY A 11 -3.60 9.09 0.02
N ARG A 12 -3.24 10.24 0.59
CA ARG A 12 -1.86 10.59 0.88
C ARG A 12 -1.14 9.48 1.66
N GLU A 13 -1.83 8.90 2.63
CA GLU A 13 -1.25 7.85 3.46
C GLU A 13 -0.88 6.62 2.65
N PHE A 14 -1.73 6.29 1.68
CA PHE A 14 -1.48 5.14 0.82
C PHE A 14 -0.16 5.34 0.09
N ILE A 15 0.02 6.53 -0.46
CA ILE A 15 1.24 6.88 -1.17
C ILE A 15 2.46 6.80 -0.24
N ARG A 16 2.32 7.34 0.95
CA ARG A 16 3.42 7.32 1.92
C ARG A 16 3.81 5.91 2.29
N ALA A 17 2.83 5.04 2.52
CA ALA A 17 3.10 3.66 2.88
C ALA A 17 3.84 2.92 1.77
N VAL A 18 3.52 3.25 0.52
CA VAL A 18 4.17 2.63 -0.62
C VAL A 18 5.63 3.04 -0.66
N ILE A 19 5.86 4.32 -0.43
CA ILE A 19 7.22 4.86 -0.42
C ILE A 19 7.97 4.36 0.80
N PHE A 20 7.28 4.30 1.93
CA PHE A 20 7.85 3.79 3.17
C PHE A 20 8.40 2.40 2.94
N THR A 21 7.58 1.57 2.32
CA THR A 21 7.96 0.22 2.00
C THR A 21 9.02 0.20 0.90
N CYS A 22 8.90 1.14 -0.03
CA CYS A 22 9.84 1.27 -1.14
C CYS A 22 11.23 1.64 -0.63
N GLY A 23 11.27 2.31 0.51
CA GLY A 23 12.52 2.76 1.08
C GLY A 23 13.10 3.91 0.29
N GLY A 24 12.21 4.62 -0.41
CA GLY A 24 12.61 5.75 -1.22
C GLY A 24 13.62 5.36 -2.29
N SER A 25 13.46 4.17 -2.86
CA SER A 25 14.37 3.66 -3.87
C SER A 25 14.22 4.42 -5.20
N ARG A 26 12.97 4.71 -5.58
CA ARG A 26 12.72 5.43 -6.82
C ARG A 26 12.11 6.79 -6.54
N TRP A 27 11.32 6.84 -5.47
CA TRP A 27 10.65 8.05 -5.05
C TRP A 27 10.06 7.81 -3.68
N ASP B 2 -8.60 -4.18 -6.18
CA ASP B 2 -8.95 -4.30 -4.76
C ASP B 2 -7.73 -4.00 -3.90
N LEU B 3 -6.56 -4.33 -4.42
CA LEU B 3 -5.31 -4.10 -3.72
C LEU B 3 -4.97 -2.62 -3.62
N GLN B 4 -4.68 -2.01 -4.77
CA GLN B 4 -4.31 -0.60 -4.81
C GLN B 4 -5.51 0.33 -4.66
N THR B 5 -6.45 0.19 -5.57
CA THR B 5 -7.65 1.01 -5.60
C THR B 5 -8.48 0.90 -4.32
N LEU B 6 -8.81 -0.32 -3.91
CA LEU B 6 -9.63 -0.52 -2.73
C LEU B 6 -8.82 -0.77 -1.46
N CYS B 7 -7.65 -0.14 -1.33
CA CYS B 7 -6.85 -0.31 -0.12
C CYS B 7 -7.54 0.36 1.05
N CYS B 8 -8.15 1.51 0.78
CA CYS B 8 -8.86 2.27 1.79
C CYS B 8 -10.16 1.57 2.18
N THR B 9 -10.75 0.88 1.22
CA THR B 9 -12.00 0.18 1.43
C THR B 9 -11.82 -1.21 2.05
N ASP B 10 -10.93 -1.99 1.46
CA ASP B 10 -10.69 -3.36 1.93
C ASP B 10 -9.34 -3.45 2.66
N GLY B 11 -8.25 -3.21 1.94
CA GLY B 11 -6.94 -3.27 2.55
C GLY B 11 -5.86 -3.73 1.59
N CYS B 12 -4.67 -3.16 1.72
CA CYS B 12 -3.56 -3.52 0.84
C CYS B 12 -2.32 -3.89 1.66
N SER B 13 -1.57 -4.85 1.16
CA SER B 13 -0.36 -5.32 1.81
C SER B 13 0.82 -4.44 1.47
N MET B 14 1.68 -4.19 2.45
CA MET B 14 2.86 -3.36 2.23
C MET B 14 3.81 -4.07 1.27
N THR B 15 3.82 -5.39 1.32
CA THR B 15 4.66 -6.19 0.44
C THR B 15 4.19 -6.03 -1.00
N ASP B 16 2.87 -6.02 -1.16
CA ASP B 16 2.24 -5.85 -2.46
C ASP B 16 2.52 -4.45 -2.99
N LEU B 17 2.52 -3.50 -2.07
CA LEU B 17 2.78 -2.09 -2.38
C LEU B 17 4.19 -1.90 -2.96
N SER B 18 5.11 -2.78 -2.58
CA SER B 18 6.48 -2.70 -3.06
C SER B 18 6.51 -2.75 -4.59
N ALA B 19 5.66 -3.60 -5.16
CA ALA B 19 5.56 -3.74 -6.61
C ALA B 19 4.96 -2.49 -7.23
N LEU B 20 4.03 -1.86 -6.52
CA LEU B 20 3.37 -0.65 -6.99
C LEU B 20 4.36 0.49 -7.15
N CYS B 21 5.34 0.54 -6.27
CA CYS B 21 6.37 1.58 -6.31
C CYS B 21 7.20 1.45 -7.59
N ARG A 1 -3.63 -6.79 -2.46
CA ARG A 1 -3.60 -7.32 -1.07
C ARG A 1 -3.62 -8.85 -1.07
N ALA A 2 -2.64 -9.44 -1.75
CA ALA A 2 -2.53 -10.89 -1.82
C ALA A 2 -2.29 -11.48 -0.43
N ALA A 3 -1.50 -10.79 0.36
CA ALA A 3 -1.20 -11.22 1.72
C ALA A 3 -2.37 -10.93 2.65
N PRO A 4 -2.65 -11.85 3.59
CA PRO A 4 -3.74 -11.72 4.57
C PRO A 4 -3.84 -10.35 5.20
N TYR A 5 -2.70 -9.86 5.67
CA TYR A 5 -2.64 -8.58 6.34
C TYR A 5 -2.99 -7.44 5.40
N GLY A 6 -3.73 -6.47 5.91
CA GLY A 6 -4.09 -5.34 5.11
C GLY A 6 -4.64 -4.19 5.93
N VAL A 7 -4.01 -3.04 5.83
CA VAL A 7 -4.44 -1.85 6.53
C VAL A 7 -5.02 -0.86 5.52
N ARG A 8 -6.07 -0.15 5.90
CA ARG A 8 -6.71 0.80 5.00
C ARG A 8 -5.79 1.96 4.69
N LEU A 9 -5.51 2.14 3.41
CA LEU A 9 -4.64 3.20 2.93
C LEU A 9 -5.37 3.97 1.83
N CYS A 10 -5.51 5.28 2.00
CA CYS A 10 -6.22 6.08 1.01
C CYS A 10 -5.49 7.38 0.70
N GLY A 11 -5.57 7.78 -0.57
CA GLY A 11 -4.96 9.01 -1.02
C GLY A 11 -3.48 9.11 -0.71
N ARG A 12 -3.12 10.22 -0.07
CA ARG A 12 -1.74 10.50 0.31
C ARG A 12 -1.20 9.41 1.23
N GLU A 13 -2.02 8.93 2.15
CA GLU A 13 -1.60 7.89 3.09
C GLU A 13 -1.26 6.61 2.34
N PHE A 14 -2.09 6.30 1.36
CA PHE A 14 -1.90 5.13 0.52
C PHE A 14 -0.54 5.19 -0.18
N ILE A 15 -0.30 6.29 -0.86
CA ILE A 15 0.95 6.50 -1.58
C ILE A 15 2.14 6.55 -0.63
N ARG A 16 1.97 7.19 0.52
CA ARG A 16 3.05 7.30 1.50
C ARG A 16 3.42 5.92 2.03
N ALA A 17 2.41 5.10 2.29
CA ALA A 17 2.62 3.75 2.79
C ALA A 17 3.42 2.90 1.80
N VAL A 18 3.16 3.13 0.51
CA VAL A 18 3.88 2.42 -0.54
C VAL A 18 5.35 2.78 -0.45
N ILE A 19 5.59 4.05 -0.20
CA ILE A 19 6.95 4.55 -0.04
C ILE A 19 7.55 4.03 1.25
N PHE A 20 6.71 3.96 2.30
CA PHE A 20 7.14 3.45 3.60
C PHE A 20 7.73 2.05 3.42
N THR A 21 7.10 1.29 2.55
CA THR A 21 7.55 -0.05 2.24
C THR A 21 8.94 -0.03 1.60
N CYS A 22 9.15 0.91 0.69
CA CYS A 22 10.42 1.07 0.01
C CYS A 22 11.47 1.69 0.92
N GLY A 23 11.03 2.55 1.82
CA GLY A 23 11.94 3.21 2.74
C GLY A 23 12.56 4.45 2.12
N GLY A 24 11.76 5.17 1.34
CA GLY A 24 12.24 6.39 0.69
C GLY A 24 13.39 6.13 -0.26
N SER A 25 13.22 5.13 -1.13
CA SER A 25 14.26 4.75 -2.08
C SER A 25 14.39 5.74 -3.24
N ARG A 26 13.58 6.81 -3.22
CA ARG A 26 13.61 7.81 -4.29
C ARG A 26 12.80 9.04 -3.93
N TRP A 27 11.67 8.83 -3.25
CA TRP A 27 10.80 9.92 -2.86
C TRP A 27 9.87 9.42 -1.76
N ASP B 2 -7.34 -3.34 -6.95
CA ASP B 2 -7.20 -4.00 -5.66
C ASP B 2 -6.13 -3.31 -4.84
N LEU B 3 -4.92 -3.29 -5.38
CA LEU B 3 -3.80 -2.67 -4.73
C LEU B 3 -4.03 -1.16 -4.59
N GLN B 4 -4.69 -0.58 -5.58
CA GLN B 4 -4.99 0.84 -5.54
C GLN B 4 -6.36 1.09 -4.90
N THR B 5 -7.35 0.32 -5.34
CA THR B 5 -8.72 0.48 -4.89
C THR B 5 -9.05 -0.28 -3.59
N LEU B 6 -9.08 -1.61 -3.63
CA LEU B 6 -9.44 -2.44 -2.47
C LEU B 6 -8.62 -2.10 -1.22
N CYS B 7 -7.39 -1.68 -1.42
CA CYS B 7 -6.51 -1.31 -0.32
C CYS B 7 -7.11 -0.17 0.51
N CYS B 8 -7.81 0.73 -0.14
CA CYS B 8 -8.46 1.84 0.53
C CYS B 8 -9.79 1.37 1.10
N THR B 9 -10.46 0.50 0.35
CA THR B 9 -11.76 -0.03 0.74
C THR B 9 -11.69 -0.88 2.01
N ASP B 10 -10.70 -1.74 2.14
CA ASP B 10 -10.60 -2.60 3.31
C ASP B 10 -9.18 -2.74 3.86
N GLY B 11 -8.19 -3.00 3.01
CA GLY B 11 -6.85 -3.14 3.53
C GLY B 11 -5.80 -3.42 2.49
N CYS B 12 -4.55 -3.09 2.83
CA CYS B 12 -3.43 -3.28 1.94
C CYS B 12 -2.21 -3.80 2.69
N SER B 13 -1.47 -4.70 2.06
CA SER B 13 -0.28 -5.26 2.65
C SER B 13 0.94 -4.54 2.10
N MET B 14 1.97 -4.42 2.94
CA MET B 14 3.20 -3.75 2.55
C MET B 14 3.90 -4.47 1.40
N THR B 15 3.84 -5.80 1.40
CA THR B 15 4.45 -6.59 0.34
C THR B 15 3.83 -6.26 -1.01
N ASP B 16 2.53 -6.00 -1.02
CA ASP B 16 1.81 -5.66 -2.24
C ASP B 16 2.24 -4.28 -2.72
N LEU B 17 2.35 -3.35 -1.77
CA LEU B 17 2.73 -1.97 -2.04
C LEU B 17 4.06 -1.90 -2.81
N SER B 18 4.94 -2.85 -2.54
CA SER B 18 6.24 -2.92 -3.20
C SER B 18 6.12 -2.87 -4.72
N ALA B 19 5.04 -3.45 -5.24
CA ALA B 19 4.80 -3.49 -6.69
C ALA B 19 4.58 -2.09 -7.26
N LEU B 20 3.81 -1.27 -6.55
CA LEU B 20 3.51 0.08 -7.01
C LEU B 20 4.76 0.97 -6.93
N CYS B 21 5.55 0.79 -5.88
CA CYS B 21 6.76 1.57 -5.70
C CYS B 21 7.86 1.08 -6.65
N ARG A 1 -4.22 -6.96 -2.84
CA ARG A 1 -4.83 -7.72 -1.71
C ARG A 1 -4.40 -9.19 -1.77
N ALA A 2 -3.11 -9.42 -1.97
CA ALA A 2 -2.58 -10.77 -2.04
C ALA A 2 -2.29 -11.32 -0.66
N ALA A 3 -1.70 -10.49 0.19
CA ALA A 3 -1.35 -10.91 1.54
C ALA A 3 -2.59 -10.98 2.44
N PRO A 4 -2.64 -11.97 3.34
CA PRO A 4 -3.77 -12.17 4.26
C PRO A 4 -3.99 -10.96 5.16
N TYR A 5 -2.90 -10.42 5.67
CA TYR A 5 -2.97 -9.24 6.54
C TYR A 5 -3.04 -7.98 5.68
N GLY A 6 -3.80 -7.00 6.13
CA GLY A 6 -3.94 -5.77 5.37
C GLY A 6 -4.43 -4.61 6.23
N VAL A 7 -4.12 -3.40 5.80
CA VAL A 7 -4.52 -2.20 6.53
C VAL A 7 -5.10 -1.18 5.55
N ARG A 8 -6.03 -0.36 6.06
CA ARG A 8 -6.67 0.67 5.24
C ARG A 8 -5.67 1.75 4.85
N LEU A 9 -5.49 1.93 3.56
CA LEU A 9 -4.57 2.92 3.03
C LEU A 9 -5.25 3.68 1.90
N CYS A 10 -5.21 5.01 1.94
CA CYS A 10 -5.86 5.80 0.92
C CYS A 10 -5.06 7.04 0.52
N GLY A 11 -5.08 7.32 -0.78
CA GLY A 11 -4.41 8.48 -1.36
C GLY A 11 -2.98 8.68 -0.89
N ARG A 12 -2.73 9.86 -0.34
CA ARG A 12 -1.42 10.25 0.16
C ARG A 12 -0.82 9.23 1.13
N GLU A 13 -1.63 8.72 2.04
CA GLU A 13 -1.17 7.74 3.02
C GLU A 13 -0.80 6.45 2.32
N PHE A 14 -1.62 6.07 1.36
CA PHE A 14 -1.39 4.88 0.58
C PHE A 14 -0.05 4.98 -0.14
N ILE A 15 0.15 6.10 -0.82
CA ILE A 15 1.39 6.34 -1.55
C ILE A 15 2.58 6.41 -0.60
N ARG A 16 2.40 7.04 0.56
CA ARG A 16 3.48 7.13 1.54
C ARG A 16 3.86 5.76 2.06
N ALA A 17 2.87 4.91 2.26
CA ALA A 17 3.11 3.56 2.75
C ALA A 17 3.93 2.76 1.75
N VAL A 18 3.71 3.03 0.46
CA VAL A 18 4.45 2.37 -0.61
C VAL A 18 5.91 2.74 -0.51
N ILE A 19 6.16 4.02 -0.29
CA ILE A 19 7.51 4.54 -0.17
C ILE A 19 8.16 4.08 1.12
N PHE A 20 7.39 4.07 2.19
CA PHE A 20 7.87 3.62 3.49
C PHE A 20 8.37 2.18 3.38
N THR A 21 7.57 1.37 2.69
CA THR A 21 7.90 -0.02 2.47
C THR A 21 9.07 -0.15 1.49
N CYS A 22 9.15 0.79 0.55
CA CYS A 22 10.21 0.81 -0.45
C CYS A 22 11.57 0.95 0.22
N GLY A 23 11.62 1.79 1.25
CA GLY A 23 12.86 2.01 1.96
C GLY A 23 13.17 3.48 2.13
N GLY A 24 13.06 4.22 1.03
CA GLY A 24 13.34 5.64 1.06
C GLY A 24 13.34 6.25 -0.31
N SER A 25 12.23 6.07 -1.02
CA SER A 25 12.08 6.59 -2.37
C SER A 25 12.09 8.12 -2.37
N ARG A 26 12.51 8.69 -3.49
CA ARG A 26 12.60 10.14 -3.62
C ARG A 26 11.38 10.71 -4.34
N TRP A 27 10.21 10.32 -3.87
CA TRP A 27 8.95 10.77 -4.45
C TRP A 27 7.81 10.34 -3.54
N ASP B 2 -6.90 -2.41 -7.09
CA ASP B 2 -6.63 -3.20 -5.91
C ASP B 2 -5.90 -2.33 -4.89
N LEU B 3 -4.69 -1.91 -5.26
CA LEU B 3 -3.88 -1.06 -4.40
C LEU B 3 -4.48 0.33 -4.27
N GLN B 4 -5.13 0.79 -5.32
CA GLN B 4 -5.73 2.11 -5.31
C GLN B 4 -7.14 2.09 -4.71
N THR B 5 -7.95 1.19 -5.21
CA THR B 5 -9.35 1.07 -4.79
C THR B 5 -9.59 0.13 -3.61
N LEU B 6 -9.27 -1.15 -3.79
CA LEU B 6 -9.52 -2.19 -2.77
C LEU B 6 -8.89 -1.88 -1.41
N CYS B 7 -7.74 -1.21 -1.40
CA CYS B 7 -7.07 -0.86 -0.15
C CYS B 7 -7.97 -0.01 0.74
N CYS B 8 -8.78 0.83 0.11
CA CYS B 8 -9.70 1.69 0.84
C CYS B 8 -10.97 0.93 1.19
N THR B 9 -11.34 0.00 0.32
CA THR B 9 -12.54 -0.81 0.51
C THR B 9 -12.35 -1.83 1.63
N ASP B 10 -11.25 -2.56 1.59
CA ASP B 10 -10.97 -3.57 2.60
C ASP B 10 -9.62 -3.34 3.28
N GLY B 11 -8.53 -3.47 2.53
CA GLY B 11 -7.22 -3.25 3.10
C GLY B 11 -6.14 -3.99 2.35
N CYS B 12 -4.92 -3.46 2.41
CA CYS B 12 -3.79 -4.08 1.72
C CYS B 12 -2.56 -4.08 2.62
N SER B 13 -1.68 -5.03 2.40
CA SER B 13 -0.47 -5.12 3.20
C SER B 13 0.61 -4.24 2.58
N MET B 14 1.64 -3.94 3.36
CA MET B 14 2.74 -3.15 2.85
C MET B 14 3.46 -3.98 1.78
N THR B 15 3.29 -5.30 1.86
CA THR B 15 3.87 -6.22 0.90
C THR B 15 3.24 -6.00 -0.48
N ASP B 16 1.93 -5.80 -0.49
CA ASP B 16 1.20 -5.55 -1.74
C ASP B 16 1.70 -4.27 -2.39
N LEU B 17 1.86 -3.25 -1.56
CA LEU B 17 2.32 -1.94 -2.00
C LEU B 17 3.76 -1.95 -2.49
N SER B 18 4.55 -2.94 -2.03
CA SER B 18 5.94 -3.06 -2.42
C SER B 18 6.11 -3.12 -3.94
N ALA B 19 5.20 -3.83 -4.60
CA ALA B 19 5.24 -4.00 -6.05
C ALA B 19 5.09 -2.67 -6.79
N LEU B 20 4.39 -1.73 -6.19
CA LEU B 20 4.17 -0.42 -6.81
C LEU B 20 5.44 0.40 -6.92
N CYS B 21 6.28 0.35 -5.90
CA CYS B 21 7.54 1.10 -5.91
C CYS B 21 8.60 0.35 -6.70
N ARG A 1 -6.49 -7.53 -2.50
CA ARG A 1 -5.43 -7.82 -1.51
C ARG A 1 -4.74 -9.12 -1.87
N ALA A 2 -3.42 -9.15 -1.82
CA ALA A 2 -2.67 -10.36 -2.14
C ALA A 2 -2.29 -11.10 -0.86
N ALA A 3 -1.61 -10.38 0.02
CA ALA A 3 -1.20 -10.95 1.29
C ALA A 3 -2.38 -11.07 2.25
N PRO A 4 -2.34 -12.02 3.20
CA PRO A 4 -3.42 -12.25 4.16
C PRO A 4 -3.78 -11.00 4.97
N TYR A 5 -2.78 -10.35 5.53
CA TYR A 5 -2.97 -9.15 6.32
C TYR A 5 -3.30 -7.96 5.41
N GLY A 6 -4.02 -6.98 5.94
CA GLY A 6 -4.38 -5.81 5.16
C GLY A 6 -4.66 -4.60 6.01
N VAL A 7 -4.12 -3.46 5.61
CA VAL A 7 -4.32 -2.22 6.34
C VAL A 7 -5.00 -1.19 5.45
N ARG A 8 -5.81 -0.33 6.06
CA ARG A 8 -6.52 0.70 5.32
C ARG A 8 -5.60 1.87 5.01
N LEU A 9 -5.37 2.11 3.74
CA LEU A 9 -4.52 3.20 3.29
C LEU A 9 -5.25 4.02 2.23
N CYS A 10 -5.19 5.34 2.35
CA CYS A 10 -5.88 6.21 1.40
C CYS A 10 -5.06 7.46 1.09
N GLY A 11 -5.32 8.06 -0.07
CA GLY A 11 -4.63 9.27 -0.48
C GLY A 11 -3.12 9.18 -0.40
N ARG A 12 -2.50 10.27 0.04
CA ARG A 12 -1.06 10.34 0.16
C ARG A 12 -0.54 9.44 1.29
N GLU A 13 -1.42 9.06 2.21
CA GLU A 13 -1.05 8.16 3.29
C GLU A 13 -0.66 6.83 2.69
N PHE A 14 -1.48 6.42 1.72
CA PHE A 14 -1.26 5.18 0.98
C PHE A 14 0.06 5.28 0.24
N ILE A 15 0.26 6.40 -0.44
CA ILE A 15 1.48 6.63 -1.20
C ILE A 15 2.71 6.55 -0.31
N ARG A 16 2.61 7.15 0.88
CA ARG A 16 3.72 7.15 1.82
C ARG A 16 3.99 5.73 2.33
N ALA A 17 2.94 4.99 2.63
CA ALA A 17 3.08 3.62 3.11
C ALA A 17 3.80 2.74 2.10
N VAL A 18 3.53 2.99 0.82
CA VAL A 18 4.16 2.24 -0.26
C VAL A 18 5.66 2.54 -0.28
N ILE A 19 5.98 3.81 -0.13
CA ILE A 19 7.36 4.25 -0.10
C ILE A 19 8.04 3.79 1.19
N PHE A 20 7.26 3.78 2.27
CA PHE A 20 7.75 3.34 3.56
C PHE A 20 8.23 1.90 3.45
N THR A 21 7.44 1.11 2.72
CA THR A 21 7.76 -0.28 2.49
C THR A 21 9.05 -0.39 1.67
N CYS A 22 9.19 0.50 0.70
CA CYS A 22 10.37 0.54 -0.15
C CYS A 22 11.57 1.18 0.57
N GLY A 23 11.32 1.72 1.76
CA GLY A 23 12.36 2.34 2.54
C GLY A 23 12.91 3.60 1.89
N GLY A 24 12.03 4.42 1.35
CA GLY A 24 12.46 5.65 0.69
C GLY A 24 13.21 5.38 -0.59
N SER A 25 12.56 4.63 -1.48
CA SER A 25 13.15 4.24 -2.75
C SER A 25 13.58 5.45 -3.60
N ARG A 26 12.81 6.52 -3.57
CA ARG A 26 13.15 7.69 -4.38
C ARG A 26 12.45 8.96 -3.90
N TRP A 27 11.19 8.84 -3.54
CA TRP A 27 10.43 10.01 -3.10
C TRP A 27 9.42 9.62 -2.03
N ASP B 2 -7.30 -2.49 -6.96
CA ASP B 2 -7.43 -3.24 -5.71
C ASP B 2 -6.36 -2.81 -4.72
N LEU B 3 -5.11 -2.93 -5.13
CA LEU B 3 -3.99 -2.54 -4.29
C LEU B 3 -4.10 -1.08 -3.91
N GLN B 4 -4.47 -0.26 -4.89
CA GLN B 4 -4.62 1.17 -4.68
C GLN B 4 -6.04 1.54 -4.25
N THR B 5 -6.98 1.26 -5.14
CA THR B 5 -8.38 1.59 -4.92
C THR B 5 -9.04 0.81 -3.77
N LEU B 6 -9.02 -0.51 -3.84
CA LEU B 6 -9.66 -1.34 -2.83
C LEU B 6 -8.94 -1.30 -1.48
N CYS B 7 -7.80 -0.62 -1.40
CA CYS B 7 -7.08 -0.53 -0.13
C CYS B 7 -7.90 0.20 0.92
N CYS B 8 -8.69 1.17 0.48
CA CYS B 8 -9.53 1.94 1.39
C CYS B 8 -10.72 1.10 1.86
N THR B 9 -11.26 0.29 0.96
CA THR B 9 -12.41 -0.55 1.29
C THR B 9 -12.02 -1.84 2.00
N ASP B 10 -11.18 -2.65 1.36
CA ASP B 10 -10.74 -3.92 1.92
C ASP B 10 -9.44 -3.78 2.70
N GLY B 11 -8.45 -3.19 2.07
CA GLY B 11 -7.16 -3.02 2.70
C GLY B 11 -6.04 -3.61 1.89
N CYS B 12 -4.92 -2.92 1.81
CA CYS B 12 -3.79 -3.40 1.04
C CYS B 12 -2.61 -3.70 1.95
N SER B 13 -1.91 -4.77 1.65
CA SER B 13 -0.76 -5.20 2.43
C SER B 13 0.48 -4.40 2.03
N MET B 14 1.33 -4.09 3.01
CA MET B 14 2.56 -3.34 2.73
C MET B 14 3.43 -4.09 1.73
N THR B 15 3.49 -5.40 1.89
CA THR B 15 4.28 -6.24 0.99
C THR B 15 3.79 -6.09 -0.46
N ASP B 16 2.47 -6.05 -0.62
CA ASP B 16 1.85 -5.90 -1.94
C ASP B 16 2.22 -4.55 -2.56
N LEU B 17 2.29 -3.53 -1.71
CA LEU B 17 2.62 -2.16 -2.12
C LEU B 17 3.89 -2.09 -2.97
N SER B 18 4.84 -2.98 -2.67
CA SER B 18 6.11 -3.04 -3.37
C SER B 18 5.94 -3.11 -4.89
N ALA B 19 4.81 -3.67 -5.34
CA ALA B 19 4.54 -3.80 -6.76
C ALA B 19 4.38 -2.44 -7.46
N LEU B 20 3.75 -1.50 -6.77
CA LEU B 20 3.53 -0.16 -7.33
C LEU B 20 4.82 0.66 -7.34
N CYS B 21 5.56 0.58 -6.25
CA CYS B 21 6.81 1.32 -6.12
C CYS B 21 7.93 0.64 -6.91
N ARG A 1 -4.06 -7.38 -3.26
CA ARG A 1 -4.24 -7.92 -1.90
C ARG A 1 -3.93 -9.41 -1.88
N ALA A 2 -2.66 -9.73 -2.07
CA ALA A 2 -2.20 -11.12 -2.08
C ALA A 2 -2.40 -11.73 -0.70
N ALA A 3 -2.06 -10.97 0.33
CA ALA A 3 -2.21 -11.41 1.70
C ALA A 3 -3.57 -11.01 2.23
N PRO A 4 -4.24 -11.91 2.97
CA PRO A 4 -5.57 -11.64 3.54
C PRO A 4 -5.57 -10.42 4.45
N TYR A 5 -4.59 -10.36 5.32
CA TYR A 5 -4.45 -9.23 6.25
C TYR A 5 -4.02 -8.00 5.47
N GLY A 6 -4.49 -6.83 5.91
CA GLY A 6 -4.14 -5.62 5.21
C GLY A 6 -4.59 -4.38 5.94
N VAL A 7 -3.79 -3.33 5.84
CA VAL A 7 -4.09 -2.06 6.48
C VAL A 7 -4.73 -1.11 5.46
N ARG A 8 -5.67 -0.29 5.93
CA ARG A 8 -6.33 0.66 5.06
C ARG A 8 -5.44 1.86 4.79
N LEU A 9 -5.21 2.13 3.52
CA LEU A 9 -4.37 3.23 3.10
C LEU A 9 -5.09 4.04 2.03
N CYS A 10 -5.17 5.35 2.21
CA CYS A 10 -5.87 6.19 1.26
C CYS A 10 -5.15 7.52 1.04
N GLY A 11 -5.26 8.06 -0.17
CA GLY A 11 -4.66 9.32 -0.52
C GLY A 11 -3.17 9.36 -0.30
N ARG A 12 -2.71 10.44 0.32
CA ARG A 12 -1.29 10.65 0.60
C ARG A 12 -0.74 9.60 1.56
N GLU A 13 -1.61 9.10 2.43
CA GLU A 13 -1.18 8.10 3.41
C GLU A 13 -0.78 6.82 2.69
N PHE A 14 -1.58 6.47 1.68
CA PHE A 14 -1.32 5.29 0.87
C PHE A 14 0.02 5.42 0.16
N ILE A 15 0.23 6.57 -0.48
CA ILE A 15 1.46 6.85 -1.20
C ILE A 15 2.67 6.73 -0.26
N ARG A 16 2.53 7.29 0.93
CA ARG A 16 3.59 7.26 1.91
C ARG A 16 3.92 5.83 2.34
N ALA A 17 2.88 5.05 2.58
CA ALA A 17 3.05 3.67 3.00
C ALA A 17 3.73 2.84 1.91
N VAL A 18 3.46 3.16 0.65
CA VAL A 18 4.07 2.45 -0.46
C VAL A 18 5.56 2.72 -0.47
N ILE A 19 5.91 3.98 -0.27
CA ILE A 19 7.31 4.38 -0.23
C ILE A 19 7.98 3.82 1.01
N PHE A 20 7.25 3.83 2.12
CA PHE A 20 7.74 3.27 3.38
C PHE A 20 8.16 1.83 3.16
N THR A 21 7.27 1.08 2.51
CA THR A 21 7.53 -0.32 2.20
C THR A 21 8.65 -0.43 1.17
N CYS A 22 8.67 0.52 0.25
CA CYS A 22 9.68 0.57 -0.81
C CYS A 22 11.06 0.82 -0.22
N GLY A 23 11.09 1.47 0.93
CA GLY A 23 12.36 1.81 1.56
C GLY A 23 13.09 2.88 0.79
N GLY A 24 12.31 3.68 0.06
CA GLY A 24 12.86 4.76 -0.73
C GLY A 24 13.84 4.26 -1.78
N SER A 25 13.57 3.08 -2.34
CA SER A 25 14.43 2.47 -3.34
C SER A 25 14.45 3.27 -4.64
N ARG A 26 13.29 3.78 -5.03
CA ARG A 26 13.18 4.56 -6.26
C ARG A 26 12.75 5.97 -5.93
N TRP A 27 11.86 6.08 -4.96
CA TRP A 27 11.34 7.36 -4.50
C TRP A 27 10.63 7.12 -3.18
N ASP B 2 -7.29 -2.81 -7.11
CA ASP B 2 -7.01 -3.61 -5.92
C ASP B 2 -5.99 -2.89 -5.05
N LEU B 3 -4.82 -2.63 -5.62
CA LEU B 3 -3.77 -1.93 -4.90
C LEU B 3 -4.21 -0.50 -4.58
N GLN B 4 -4.90 0.12 -5.50
CA GLN B 4 -5.37 1.48 -5.31
C GLN B 4 -6.71 1.49 -4.58
N THR B 5 -7.61 0.64 -5.05
CA THR B 5 -8.96 0.57 -4.51
C THR B 5 -9.09 -0.27 -3.23
N LEU B 6 -8.87 -1.58 -3.34
CA LEU B 6 -9.01 -2.49 -2.19
C LEU B 6 -8.23 -2.06 -0.96
N CYS B 7 -7.04 -1.53 -1.17
CA CYS B 7 -6.19 -1.08 -0.06
C CYS B 7 -6.88 0.01 0.76
N CYS B 8 -7.65 0.86 0.10
CA CYS B 8 -8.36 1.93 0.77
C CYS B 8 -9.70 1.42 1.32
N THR B 9 -10.37 0.56 0.54
CA THR B 9 -11.66 0.02 0.93
C THR B 9 -11.56 -0.91 2.13
N ASP B 10 -10.57 -1.81 2.13
CA ASP B 10 -10.41 -2.77 3.22
C ASP B 10 -8.96 -2.83 3.70
N GLY B 11 -8.03 -2.93 2.76
CA GLY B 11 -6.64 -2.98 3.14
C GLY B 11 -5.83 -3.97 2.33
N CYS B 12 -4.51 -3.89 2.46
CA CYS B 12 -3.60 -4.78 1.75
C CYS B 12 -2.26 -4.85 2.47
N SER B 13 -1.50 -5.91 2.22
CA SER B 13 -0.20 -6.09 2.84
C SER B 13 0.81 -5.13 2.22
N MET B 14 1.86 -4.81 2.97
CA MET B 14 2.90 -3.92 2.48
C MET B 14 3.53 -4.51 1.22
N THR B 15 3.58 -5.84 1.20
CA THR B 15 4.12 -6.58 0.08
C THR B 15 3.44 -6.17 -1.23
N ASP B 16 2.13 -5.94 -1.15
CA ASP B 16 1.33 -5.53 -2.30
C ASP B 16 1.77 -4.14 -2.78
N LEU B 17 2.05 -3.27 -1.82
CA LEU B 17 2.47 -1.89 -2.11
C LEU B 17 3.75 -1.86 -2.94
N SER B 18 4.65 -2.79 -2.68
CA SER B 18 5.92 -2.87 -3.39
C SER B 18 5.71 -2.94 -4.92
N ALA B 19 4.62 -3.57 -5.33
CA ALA B 19 4.31 -3.71 -6.76
C ALA B 19 4.10 -2.35 -7.43
N LEU B 20 3.43 -1.44 -6.73
CA LEU B 20 3.17 -0.11 -7.29
C LEU B 20 4.45 0.73 -7.34
N CYS B 21 5.31 0.57 -6.35
CA CYS B 21 6.57 1.32 -6.30
C CYS B 21 7.53 0.82 -7.37
N ARG A 1 -9.41 -8.54 -2.07
CA ARG A 1 -8.80 -9.28 -0.94
C ARG A 1 -7.81 -10.33 -1.44
N ALA A 2 -6.98 -9.95 -2.42
CA ALA A 2 -5.99 -10.86 -2.96
C ALA A 2 -4.90 -11.13 -1.93
N ALA A 3 -4.40 -10.05 -1.34
CA ALA A 3 -3.36 -10.13 -0.32
C ALA A 3 -3.93 -10.72 0.96
N PRO A 4 -3.14 -11.55 1.67
CA PRO A 4 -3.56 -12.20 2.92
C PRO A 4 -4.06 -11.19 3.96
N TYR A 5 -3.32 -10.10 4.13
CA TYR A 5 -3.70 -9.06 5.08
C TYR A 5 -3.69 -7.72 4.36
N GLY A 6 -4.30 -6.72 4.97
CA GLY A 6 -4.34 -5.42 4.33
C GLY A 6 -4.74 -4.31 5.28
N VAL A 7 -3.99 -3.23 5.25
CA VAL A 7 -4.27 -2.07 6.07
C VAL A 7 -4.99 -1.02 5.25
N ARG A 8 -5.91 -0.30 5.88
CA ARG A 8 -6.67 0.73 5.18
C ARG A 8 -5.82 1.96 4.95
N LEU A 9 -5.53 2.23 3.69
CA LEU A 9 -4.72 3.38 3.30
C LEU A 9 -5.49 4.19 2.27
N CYS A 10 -5.46 5.51 2.41
CA CYS A 10 -6.20 6.35 1.48
C CYS A 10 -5.37 7.53 0.97
N GLY A 11 -5.48 7.76 -0.34
CA GLY A 11 -4.79 8.86 -1.00
C GLY A 11 -3.31 8.99 -0.64
N ARG A 12 -2.97 10.16 -0.12
CA ARG A 12 -1.60 10.49 0.26
C ARG A 12 -1.02 9.48 1.24
N GLU A 13 -1.81 9.09 2.22
CA GLU A 13 -1.37 8.15 3.25
C GLU A 13 -1.09 6.80 2.61
N PHE A 14 -1.92 6.44 1.64
CA PHE A 14 -1.76 5.20 0.91
C PHE A 14 -0.42 5.21 0.18
N ILE A 15 -0.18 6.28 -0.54
CA ILE A 15 1.06 6.45 -1.29
C ILE A 15 2.27 6.49 -0.35
N ARG A 16 2.13 7.19 0.77
CA ARG A 16 3.23 7.29 1.73
C ARG A 16 3.58 5.93 2.30
N ALA A 17 2.58 5.10 2.55
CA ALA A 17 2.82 3.75 3.08
C ALA A 17 3.58 2.91 2.06
N VAL A 18 3.23 3.09 0.79
CA VAL A 18 3.90 2.37 -0.29
C VAL A 18 5.36 2.78 -0.31
N ILE A 19 5.57 4.06 -0.09
CA ILE A 19 6.90 4.64 -0.04
C ILE A 19 7.64 4.15 1.20
N PHE A 20 6.88 3.99 2.28
CA PHE A 20 7.43 3.49 3.53
C PHE A 20 8.06 2.13 3.28
N THR A 21 7.34 1.33 2.50
CA THR A 21 7.80 0.01 2.13
C THR A 21 8.94 0.10 1.10
N CYS A 22 8.80 1.07 0.20
CA CYS A 22 9.78 1.31 -0.85
C CYS A 22 11.14 1.72 -0.26
N GLY A 23 11.11 2.50 0.81
CA GLY A 23 12.33 2.95 1.43
C GLY A 23 12.61 4.42 1.18
N GLY A 24 11.77 5.04 0.35
CA GLY A 24 11.92 6.45 0.04
C GLY A 24 13.24 6.75 -0.64
N SER A 25 13.67 5.84 -1.49
CA SER A 25 14.94 5.97 -2.21
C SER A 25 14.74 6.60 -3.59
N ARG A 26 13.73 7.45 -3.71
CA ARG A 26 13.43 8.10 -4.98
C ARG A 26 12.33 9.13 -4.80
N TRP A 27 11.40 8.81 -3.92
CA TRP A 27 10.26 9.67 -3.64
C TRP A 27 9.62 9.21 -2.35
N ASP B 2 -7.95 -4.11 -6.07
CA ASP B 2 -8.20 -4.16 -4.65
C ASP B 2 -6.98 -3.66 -3.88
N LEU B 3 -5.81 -3.88 -4.47
CA LEU B 3 -4.55 -3.47 -3.88
C LEU B 3 -4.42 -1.94 -3.83
N GLN B 4 -4.51 -1.30 -4.97
CA GLN B 4 -4.38 0.16 -5.03
C GLN B 4 -5.72 0.86 -4.86
N THR B 5 -6.63 0.56 -5.77
CA THR B 5 -7.95 1.14 -5.81
C THR B 5 -8.76 0.92 -4.53
N LEU B 6 -8.90 -0.33 -4.11
CA LEU B 6 -9.70 -0.65 -2.93
C LEU B 6 -8.88 -0.74 -1.64
N CYS B 7 -7.72 -0.10 -1.57
CA CYS B 7 -6.95 -0.14 -0.34
C CYS B 7 -7.68 0.67 0.73
N CYS B 8 -8.39 1.71 0.29
CA CYS B 8 -9.15 2.56 1.20
C CYS B 8 -10.52 1.94 1.51
N THR B 9 -10.58 0.60 1.51
CA THR B 9 -11.82 -0.11 1.79
C THR B 9 -11.52 -1.54 2.21
N ASP B 10 -10.82 -2.27 1.36
CA ASP B 10 -10.45 -3.65 1.61
C ASP B 10 -9.10 -3.70 2.33
N GLY B 11 -8.22 -2.79 1.96
CA GLY B 11 -6.91 -2.73 2.60
C GLY B 11 -5.84 -3.43 1.80
N CYS B 12 -4.74 -2.72 1.56
CA CYS B 12 -3.62 -3.26 0.82
C CYS B 12 -2.51 -3.72 1.76
N SER B 13 -1.82 -4.79 1.37
CA SER B 13 -0.74 -5.35 2.18
C SER B 13 0.55 -4.59 1.94
N MET B 14 1.36 -4.49 3.00
CA MET B 14 2.64 -3.81 2.94
C MET B 14 3.57 -4.48 1.93
N THR B 15 3.54 -5.80 1.90
CA THR B 15 4.37 -6.57 0.98
C THR B 15 4.02 -6.24 -0.47
N ASP B 16 2.72 -6.14 -0.72
CA ASP B 16 2.17 -5.86 -2.04
C ASP B 16 2.52 -4.43 -2.49
N LEU B 17 2.62 -3.52 -1.54
CA LEU B 17 2.93 -2.12 -1.82
C LEU B 17 4.26 -1.98 -2.57
N SER B 18 5.19 -2.88 -2.28
CA SER B 18 6.50 -2.87 -2.93
C SER B 18 6.39 -2.84 -4.44
N ALA B 19 5.44 -3.60 -4.98
CA ALA B 19 5.22 -3.66 -6.42
C ALA B 19 4.69 -2.34 -6.97
N LEU B 20 3.84 -1.68 -6.19
CA LEU B 20 3.25 -0.41 -6.60
C LEU B 20 4.31 0.67 -6.78
N CYS B 21 5.34 0.64 -5.93
CA CYS B 21 6.41 1.62 -6.03
C CYS B 21 7.27 1.36 -7.26
N ARG A 1 -4.39 -8.40 -4.29
CA ARG A 1 -3.63 -8.54 -3.03
C ARG A 1 -3.20 -9.99 -2.81
N ALA A 2 -1.90 -10.19 -2.73
CA ALA A 2 -1.36 -11.52 -2.52
C ALA A 2 -1.38 -11.85 -1.04
N ALA A 3 -1.02 -10.87 -0.23
CA ALA A 3 -1.00 -11.04 1.21
C ALA A 3 -2.40 -10.85 1.81
N PRO A 4 -2.80 -11.71 2.75
CA PRO A 4 -4.10 -11.62 3.41
C PRO A 4 -4.27 -10.31 4.17
N TYR A 5 -3.24 -9.95 4.93
CA TYR A 5 -3.25 -8.72 5.71
C TYR A 5 -3.35 -7.50 4.80
N GLY A 6 -4.00 -6.46 5.28
CA GLY A 6 -4.14 -5.26 4.50
C GLY A 6 -4.53 -4.07 5.35
N VAL A 7 -3.94 -2.93 5.07
CA VAL A 7 -4.22 -1.72 5.82
C VAL A 7 -4.85 -0.67 4.91
N ARG A 8 -5.89 -0.01 5.42
CA ARG A 8 -6.58 1.01 4.65
C ARG A 8 -5.69 2.21 4.44
N LEU A 9 -5.52 2.60 3.18
CA LEU A 9 -4.68 3.72 2.82
C LEU A 9 -5.40 4.61 1.81
N CYS A 10 -5.31 5.92 1.99
CA CYS A 10 -5.97 6.85 1.09
C CYS A 10 -5.09 8.07 0.81
N GLY A 11 -5.09 8.50 -0.44
CA GLY A 11 -4.32 9.66 -0.84
C GLY A 11 -2.85 9.62 -0.47
N ARG A 12 -2.41 10.66 0.22
CA ARG A 12 -1.02 10.80 0.65
C ARG A 12 -0.58 9.61 1.49
N GLU A 13 -1.48 9.15 2.35
CA GLU A 13 -1.21 8.04 3.23
C GLU A 13 -0.87 6.79 2.43
N PHE A 14 -1.61 6.57 1.36
CA PHE A 14 -1.38 5.43 0.49
C PHE A 14 0.01 5.51 -0.12
N ILE A 15 0.32 6.67 -0.67
CA ILE A 15 1.63 6.91 -1.27
C ILE A 15 2.75 6.73 -0.24
N ARG A 16 2.55 7.27 0.96
CA ARG A 16 3.56 7.15 2.00
C ARG A 16 3.74 5.71 2.46
N ALA A 17 2.66 4.95 2.52
CA ALA A 17 2.75 3.56 2.94
C ALA A 17 3.53 2.73 1.92
N VAL A 18 3.35 3.05 0.65
CA VAL A 18 4.06 2.37 -0.42
C VAL A 18 5.54 2.68 -0.31
N ILE A 19 5.83 3.93 -0.03
CA ILE A 19 7.20 4.38 0.14
C ILE A 19 7.79 3.80 1.42
N PHE A 20 6.95 3.69 2.44
CA PHE A 20 7.35 3.11 3.72
C PHE A 20 7.89 1.71 3.47
N THR A 21 7.22 1.01 2.57
CA THR A 21 7.60 -0.34 2.19
C THR A 21 8.98 -0.34 1.54
N CYS A 22 9.24 0.70 0.73
CA CYS A 22 10.53 0.84 0.06
C CYS A 22 11.57 1.50 0.97
N GLY A 23 11.14 1.92 2.16
CA GLY A 23 12.03 2.57 3.10
C GLY A 23 12.20 4.05 2.79
N GLY A 24 12.34 4.36 1.52
CA GLY A 24 12.51 5.74 1.09
C GLY A 24 12.60 5.82 -0.42
N SER A 25 12.11 6.91 -0.99
CA SER A 25 12.15 7.08 -2.44
C SER A 25 12.07 8.56 -2.81
N ARG A 26 11.61 8.82 -4.02
CA ARG A 26 11.48 10.18 -4.52
C ARG A 26 10.14 10.77 -4.09
N TRP A 27 9.11 9.93 -4.11
CA TRP A 27 7.77 10.35 -3.73
C TRP A 27 7.41 9.79 -2.37
N ASP B 2 -7.45 -4.78 -7.39
CA ASP B 2 -7.55 -5.54 -6.14
C ASP B 2 -6.33 -5.25 -5.26
N LEU B 3 -6.23 -3.99 -4.89
CA LEU B 3 -5.16 -3.46 -4.07
C LEU B 3 -5.38 -1.97 -3.85
N GLN B 4 -5.05 -1.17 -4.85
CA GLN B 4 -5.22 0.27 -4.78
C GLN B 4 -6.70 0.64 -4.69
N THR B 5 -7.49 0.05 -5.57
CA THR B 5 -8.92 0.29 -5.62
C THR B 5 -9.60 -0.04 -4.29
N LEU B 6 -9.24 -1.17 -3.69
CA LEU B 6 -9.84 -1.56 -2.43
C LEU B 6 -9.04 -1.09 -1.22
N CYS B 7 -8.10 -0.18 -1.44
CA CYS B 7 -7.27 0.33 -0.34
C CYS B 7 -8.12 1.09 0.66
N CYS B 8 -9.01 1.94 0.15
CA CYS B 8 -9.89 2.73 1.01
C CYS B 8 -11.17 1.95 1.32
N THR B 9 -11.04 0.64 1.51
CA THR B 9 -12.20 -0.20 1.80
C THR B 9 -11.77 -1.46 2.55
N ASP B 10 -10.82 -2.19 1.98
CA ASP B 10 -10.31 -3.40 2.60
C ASP B 10 -8.94 -3.12 3.19
N GLY B 11 -7.96 -2.96 2.32
CA GLY B 11 -6.62 -2.65 2.79
C GLY B 11 -5.53 -3.12 1.85
N CYS B 12 -4.48 -2.32 1.74
CA CYS B 12 -3.34 -2.64 0.90
C CYS B 12 -2.30 -3.42 1.68
N SER B 13 -1.77 -4.46 1.07
CA SER B 13 -0.76 -5.29 1.71
C SER B 13 0.62 -4.69 1.46
N MET B 14 1.45 -4.68 2.50
CA MET B 14 2.80 -4.12 2.41
C MET B 14 3.61 -4.79 1.30
N THR B 15 3.52 -6.11 1.22
CA THR B 15 4.24 -6.87 0.20
C THR B 15 3.79 -6.46 -1.20
N ASP B 16 2.49 -6.28 -1.36
CA ASP B 16 1.91 -5.88 -2.63
C ASP B 16 2.33 -4.47 -3.01
N LEU B 17 2.47 -3.62 -2.01
CA LEU B 17 2.86 -2.22 -2.22
C LEU B 17 4.22 -2.14 -2.90
N SER B 18 5.08 -3.12 -2.63
CA SER B 18 6.42 -3.17 -3.21
C SER B 18 6.35 -3.12 -4.75
N ALA B 19 5.34 -3.76 -5.31
CA ALA B 19 5.16 -3.78 -6.76
C ALA B 19 4.80 -2.40 -7.31
N LEU B 20 4.01 -1.65 -6.54
CA LEU B 20 3.60 -0.31 -6.94
C LEU B 20 4.77 0.67 -6.85
N CYS B 21 5.60 0.49 -5.84
CA CYS B 21 6.76 1.34 -5.63
C CYS B 21 7.85 1.04 -6.66
#